data_8ZD4
#
_entry.id   8ZD4
#
_cell.length_a   1.00
_cell.length_b   1.00
_cell.length_c   1.00
_cell.angle_alpha   90.00
_cell.angle_beta   90.00
_cell.angle_gamma   90.00
#
_symmetry.space_group_name_H-M   'P 1'
#
loop_
_entity.id
_entity.type
_entity.pdbx_description
1 polymer 'TRA@ protein'
2 polymer 'gamma chain'
#
loop_
_entity_poly.entity_id
_entity_poly.type
_entity_poly.pdbx_seq_one_letter_code
_entity_poly.pdbx_strand_id
1 'polypeptide(L)'
;QKVTQAQSSVSMPVRKAVTLNCLYETSWWSYYIFWYKQLPSKEMIFLIRQGSDEQNAKSGRYSVNFKKAAKSVALTISAL
QLEDSAKYFCALGDPGGLNTDKLIFGKGTRVTVEPRSQPHTKPSVFVMKNGTNVACLVKEFYPKDIRINLVSSKKITEFD
PAIVISPSGKYNAVKLGKYEDSNSVTCSVQHDNKTVHSTDFE
;
A,D
2 'polypeptide(L)'
;GTKSVTRPTRSSAEITCDLTVINAFYIHWYLHQEGKAPQRLLYYDVSNSKDVLESGLSPGKYYTHTPRRWSWILILRNLI
ENDSGVYYCATWDRGNPKTHYYKKLFGSGTTLVVTDKQLDADVSPKPTIFLPSIAETKLQKAGTYLCLLEKFFPDVIKIH
WQEKKSNTILGSQEGNTMKTNDTYMKFSWLTVPEESLDKEHRCIVRHENNKNGVDQEIIFPPIK
;
B,G
#
# COMPACT_ATOMS: atom_id res chain seq x y z
N GLN A 1 -20.12 20.22 27.74
CA GLN A 1 -20.56 19.58 28.96
C GLN A 1 -19.37 19.02 29.73
N LYS A 2 -19.64 18.37 30.87
CA LYS A 2 -18.58 17.85 31.70
C LYS A 2 -19.00 16.51 32.29
N VAL A 3 -18.04 15.58 32.33
CA VAL A 3 -18.22 14.29 32.99
C VAL A 3 -17.06 14.12 33.97
N THR A 4 -17.36 13.64 35.17
CA THR A 4 -16.37 13.51 36.23
C THR A 4 -16.33 12.08 36.75
N GLN A 5 -15.11 11.58 36.94
CA GLN A 5 -14.86 10.29 37.59
C GLN A 5 -13.74 10.49 38.60
N ALA A 6 -14.11 10.60 39.88
CA ALA A 6 -13.18 10.97 40.94
C ALA A 6 -12.20 9.85 41.31
N GLN A 7 -12.63 8.60 41.35
CA GLN A 7 -11.77 7.50 41.72
C GLN A 7 -10.71 7.27 40.65
N SER A 8 -9.56 6.74 41.06
CA SER A 8 -8.49 6.39 40.15
C SER A 8 -7.98 4.97 40.29
N SER A 9 -8.26 4.29 41.40
CA SER A 9 -7.89 2.89 41.55
C SER A 9 -8.71 2.29 42.67
N VAL A 10 -9.33 1.14 42.41
CA VAL A 10 -10.12 0.41 43.39
C VAL A 10 -9.67 -1.05 43.40
N SER A 11 -9.85 -1.70 44.55
CA SER A 11 -9.51 -3.11 44.68
C SER A 11 -10.51 -3.76 45.64
N MET A 12 -11.13 -4.84 45.20
CA MET A 12 -12.14 -5.53 45.99
C MET A 12 -11.90 -7.04 45.93
N PRO A 13 -12.29 -7.77 46.96
CA PRO A 13 -12.11 -9.22 46.98
C PRO A 13 -13.11 -9.91 46.06
N VAL A 14 -12.89 -11.22 45.86
CA VAL A 14 -13.73 -11.99 44.96
C VAL A 14 -15.13 -12.15 45.54
N ARG A 15 -16.12 -12.27 44.64
CA ARG A 15 -17.51 -12.56 44.96
C ARG A 15 -18.19 -11.45 45.75
N LYS A 16 -17.60 -10.26 45.78
CA LYS A 16 -18.24 -9.10 46.36
C LYS A 16 -18.76 -8.20 45.24
N ALA A 17 -19.27 -7.02 45.59
CA ALA A 17 -19.82 -6.08 44.63
C ALA A 17 -19.16 -4.72 44.80
N VAL A 18 -19.07 -3.97 43.69
CA VAL A 18 -18.43 -2.67 43.67
C VAL A 18 -19.45 -1.64 43.21
N THR A 19 -19.07 -0.36 43.32
CA THR A 19 -19.89 0.75 42.86
C THR A 19 -19.00 1.92 42.50
N LEU A 20 -19.24 2.49 41.32
CA LEU A 20 -18.47 3.62 40.80
C LEU A 20 -19.38 4.81 40.57
N ASN A 21 -18.78 6.01 40.60
CA ASN A 21 -19.53 7.25 40.59
C ASN A 21 -19.34 8.03 39.29
N CYS A 22 -20.42 8.64 38.82
CA CYS A 22 -20.40 9.45 37.61
C CYS A 22 -21.38 10.60 37.79
N LEU A 23 -20.87 11.83 37.78
CA LEU A 23 -21.69 13.04 37.87
C LEU A 23 -21.50 13.88 36.62
N TYR A 24 -22.60 14.24 35.98
CA TYR A 24 -22.57 14.94 34.70
C TYR A 24 -23.36 16.24 34.78
N GLU A 25 -22.74 17.31 34.29
CA GLU A 25 -23.37 18.62 34.18
C GLU A 25 -23.78 18.84 32.73
N THR A 26 -25.08 18.70 32.44
CA THR A 26 -25.59 18.86 31.09
C THR A 26 -26.64 19.96 31.06
N SER A 27 -27.01 20.36 29.84
CA SER A 27 -28.01 21.40 29.63
C SER A 27 -28.95 21.05 28.49
N TRP A 28 -29.23 19.76 28.29
CA TRP A 28 -30.14 19.28 27.25
C TRP A 28 -31.36 18.65 27.91
N TRP A 29 -32.36 18.36 27.08
CA TRP A 29 -33.61 17.80 27.56
C TRP A 29 -33.63 16.28 27.56
N SER A 30 -33.11 15.65 26.52
CA SER A 30 -33.07 14.20 26.41
C SER A 30 -31.63 13.74 26.21
N TYR A 31 -31.26 12.67 26.92
CA TYR A 31 -29.90 12.16 26.85
C TYR A 31 -29.92 10.66 27.11
N TYR A 32 -28.77 10.03 26.88
CA TYR A 32 -28.57 8.61 27.07
C TYR A 32 -27.27 8.39 27.82
N ILE A 33 -27.23 7.34 28.64
CA ILE A 33 -26.08 7.03 29.47
C ILE A 33 -25.47 5.72 29.00
N PHE A 34 -24.15 5.71 28.79
CA PHE A 34 -23.40 4.55 28.35
C PHE A 34 -22.22 4.29 29.29
N TRP A 35 -22.05 3.02 29.68
CA TRP A 35 -20.89 2.57 30.45
C TRP A 35 -20.06 1.64 29.57
N TYR A 36 -18.73 1.81 29.61
CA TYR A 36 -17.85 1.12 28.68
C TYR A 36 -16.84 0.24 29.43
N LYS A 37 -15.85 -0.28 28.70
CA LYS A 37 -14.92 -1.26 29.25
C LYS A 37 -13.70 -1.36 28.34
N GLN A 38 -12.51 -1.30 28.91
CA GLN A 38 -11.27 -1.43 28.15
C GLN A 38 -10.37 -2.47 28.80
N LEU A 39 -9.95 -3.47 28.02
CA LEU A 39 -8.99 -4.47 28.47
C LEU A 39 -7.56 -3.97 28.29
N PRO A 40 -6.60 -4.53 29.02
CA PRO A 40 -5.18 -4.06 28.91
C PRO A 40 -4.53 -4.30 27.54
N SER A 41 -5.26 -4.85 26.57
CA SER A 41 -4.82 -4.94 25.20
C SER A 41 -5.33 -3.77 24.36
N LYS A 42 -5.90 -2.76 25.01
CA LYS A 42 -6.45 -1.57 24.35
C LYS A 42 -7.58 -1.96 23.40
N GLU A 43 -8.68 -2.43 23.98
CA GLU A 43 -9.86 -2.87 23.25
C GLU A 43 -11.10 -2.37 23.99
N MET A 44 -11.97 -1.64 23.30
CA MET A 44 -13.08 -0.94 23.94
C MET A 44 -14.40 -1.66 23.66
N ILE A 45 -15.13 -2.02 24.70
CA ILE A 45 -16.33 -2.86 24.59
C ILE A 45 -17.49 -2.14 25.23
N PHE A 46 -18.62 -2.09 24.52
CA PHE A 46 -19.84 -1.52 25.07
C PHE A 46 -20.36 -2.43 26.19
N LEU A 47 -20.70 -1.83 27.34
CA LEU A 47 -21.17 -2.61 28.48
C LEU A 47 -22.68 -2.50 28.71
N ILE A 48 -23.22 -1.30 28.93
CA ILE A 48 -24.63 -1.16 29.26
C ILE A 48 -25.09 0.25 28.96
N ARG A 49 -26.41 0.43 28.88
CA ARG A 49 -27.06 1.69 28.55
C ARG A 49 -28.22 1.93 29.50
N GLN A 50 -28.36 3.17 29.99
CA GLN A 50 -29.42 3.46 30.96
C GLN A 50 -30.67 4.02 30.28
N GLY A 51 -30.56 5.20 29.68
CA GLY A 51 -31.72 5.86 29.13
C GLY A 51 -32.33 6.90 30.06
N SER A 52 -33.05 7.88 29.50
CA SER A 52 -33.55 8.99 30.30
C SER A 52 -34.83 8.60 31.03
N ASP A 53 -35.88 8.27 30.29
CA ASP A 53 -37.18 7.98 30.88
C ASP A 53 -37.35 6.51 31.23
N GLU A 54 -36.32 5.70 31.04
CA GLU A 54 -36.37 4.28 31.32
C GLU A 54 -36.29 4.03 32.83
N GLN A 55 -36.57 2.79 33.22
CA GLN A 55 -36.44 2.37 34.61
C GLN A 55 -34.97 2.08 34.90
N ASN A 56 -34.69 1.47 36.06
CA ASN A 56 -33.32 1.11 36.40
C ASN A 56 -32.81 0.02 35.45
N ALA A 57 -31.58 0.20 34.98
CA ALA A 57 -30.99 -0.75 34.04
C ALA A 57 -30.49 -1.99 34.75
N LYS A 58 -30.64 -3.13 34.08
CA LYS A 58 -30.15 -4.41 34.60
C LYS A 58 -29.95 -5.37 33.44
N SER A 59 -28.70 -5.73 33.16
CA SER A 59 -28.33 -6.63 32.08
C SER A 59 -27.39 -7.69 32.63
N GLY A 60 -27.96 -8.79 33.13
CA GLY A 60 -27.17 -9.85 33.73
C GLY A 60 -26.66 -9.50 35.12
N ARG A 61 -25.35 -9.54 35.29
CA ARG A 61 -24.72 -9.18 36.55
C ARG A 61 -24.58 -7.68 36.74
N TYR A 62 -24.86 -6.88 35.71
CA TYR A 62 -24.70 -5.45 35.75
C TYR A 62 -26.01 -4.80 36.18
N SER A 63 -25.94 -3.99 37.23
CA SER A 63 -27.11 -3.30 37.75
C SER A 63 -26.78 -1.82 37.91
N VAL A 64 -27.66 -0.97 37.41
CA VAL A 64 -27.45 0.47 37.41
C VAL A 64 -28.68 1.14 37.99
N ASN A 65 -28.47 2.05 38.95
CA ASN A 65 -29.52 2.92 39.43
C ASN A 65 -29.26 4.33 38.89
N PHE A 66 -30.31 5.11 38.73
CA PHE A 66 -30.23 6.42 38.10
C PHE A 66 -30.93 7.46 38.96
N LYS A 67 -30.25 8.58 39.19
CA LYS A 67 -30.80 9.71 39.94
C LYS A 67 -30.86 10.90 38.99
N LYS A 68 -32.08 11.31 38.65
CA LYS A 68 -32.26 12.47 37.78
C LYS A 68 -32.19 13.79 38.52
N ALA A 69 -32.24 13.78 39.84
CA ALA A 69 -32.17 15.01 40.61
C ALA A 69 -30.75 15.55 40.69
N ALA A 70 -29.85 14.77 41.29
CA ALA A 70 -28.44 15.16 41.39
C ALA A 70 -27.65 14.79 40.16
N LYS A 71 -28.25 14.08 39.20
CA LYS A 71 -27.58 13.62 37.99
C LYS A 71 -26.36 12.76 38.35
N SER A 72 -26.63 11.67 39.05
CA SER A 72 -25.60 10.73 39.46
C SER A 72 -25.98 9.34 39.00
N VAL A 73 -24.98 8.60 38.48
CA VAL A 73 -25.18 7.24 38.02
C VAL A 73 -24.20 6.33 38.73
N ALA A 74 -24.70 5.18 39.18
CA ALA A 74 -23.87 4.22 39.90
C ALA A 74 -23.91 2.87 39.19
N LEU A 75 -22.74 2.28 39.00
CA LEU A 75 -22.60 0.99 38.33
C LEU A 75 -22.17 -0.06 39.34
N THR A 76 -22.93 -1.15 39.43
CA THR A 76 -22.68 -2.21 40.39
C THR A 76 -22.64 -3.55 39.68
N ILE A 77 -21.60 -4.34 39.96
CA ILE A 77 -21.45 -5.69 39.41
C ILE A 77 -21.80 -6.68 40.52
N SER A 78 -22.69 -7.64 40.21
CA SER A 78 -23.19 -8.54 41.23
C SER A 78 -22.11 -9.52 41.70
N ALA A 79 -21.59 -10.33 40.79
CA ALA A 79 -20.58 -11.35 41.11
C ALA A 79 -19.28 -10.97 40.41
N LEU A 80 -18.18 -10.99 41.15
CA LEU A 80 -16.89 -10.61 40.59
C LEU A 80 -16.18 -11.83 39.99
N GLN A 81 -15.20 -11.55 39.14
CA GLN A 81 -14.43 -12.59 38.47
C GLN A 81 -13.01 -12.09 38.22
N LEU A 82 -12.04 -13.00 38.14
CA LEU A 82 -10.65 -12.62 37.96
C LEU A 82 -10.37 -11.88 36.68
N GLU A 83 -11.19 -12.08 35.64
CA GLU A 83 -11.00 -11.41 34.36
C GLU A 83 -11.78 -10.09 34.26
N ASP A 84 -12.43 -9.67 35.34
CA ASP A 84 -13.18 -8.43 35.36
C ASP A 84 -12.31 -7.22 35.64
N SER A 85 -11.02 -7.40 35.84
CA SER A 85 -10.12 -6.29 36.13
C SER A 85 -9.89 -5.48 34.87
N ALA A 86 -10.65 -4.41 34.69
CA ALA A 86 -10.54 -3.56 33.52
C ALA A 86 -11.07 -2.17 33.84
N LYS A 87 -10.52 -1.17 33.17
CA LYS A 87 -10.98 0.20 33.35
C LYS A 87 -12.41 0.34 32.87
N TYR A 88 -13.21 1.15 33.56
CA TYR A 88 -14.60 1.38 33.21
C TYR A 88 -14.79 2.87 32.93
N PHE A 89 -15.65 3.19 31.97
CA PHE A 89 -15.82 4.57 31.52
C PHE A 89 -17.29 4.98 31.56
N CYS A 90 -17.50 6.28 31.75
CA CYS A 90 -18.82 6.90 31.70
C CYS A 90 -18.87 7.79 30.47
N ALA A 91 -19.87 7.57 29.61
CA ALA A 91 -19.98 8.27 28.33
C ALA A 91 -21.36 8.91 28.20
N LEU A 92 -21.38 10.17 27.74
CA LEU A 92 -22.60 10.96 27.66
C LEU A 92 -23.00 11.16 26.20
N GLY A 93 -24.18 10.68 25.85
CA GLY A 93 -24.71 10.82 24.50
C GLY A 93 -25.46 12.11 24.26
N ASP A 94 -24.92 12.99 23.42
CA ASP A 94 -25.50 14.31 23.18
C ASP A 94 -25.94 14.51 21.73
N PRO A 95 -27.25 14.42 21.47
CA PRO A 95 -28.31 14.02 22.39
C PRO A 95 -28.49 12.51 22.40
N GLY A 96 -27.65 11.78 21.67
CA GLY A 96 -27.75 10.34 21.59
C GLY A 96 -28.83 9.81 20.69
N GLY A 97 -29.24 10.56 19.67
CA GLY A 97 -30.34 10.15 18.83
C GLY A 97 -30.06 10.14 17.33
N LEU A 98 -28.98 10.78 16.92
CA LEU A 98 -28.61 10.83 15.51
C LEU A 98 -27.31 10.07 15.27
N ASN A 99 -26.99 9.89 13.99
CA ASN A 99 -25.78 9.21 13.55
C ASN A 99 -24.68 10.18 13.19
N THR A 100 -24.76 11.42 13.65
CA THR A 100 -23.72 12.40 13.40
C THR A 100 -23.18 12.99 14.70
N ASP A 101 -23.62 12.45 15.84
CA ASP A 101 -23.29 12.99 17.15
C ASP A 101 -21.85 12.70 17.55
N LYS A 102 -21.56 12.83 18.84
CA LYS A 102 -20.31 12.37 19.42
C LYS A 102 -20.59 11.93 20.85
N LEU A 103 -19.53 11.52 21.54
CA LEU A 103 -19.62 11.17 22.95
C LEU A 103 -18.54 11.91 23.72
N ILE A 104 -18.81 12.13 25.00
CA ILE A 104 -17.86 12.68 25.95
C ILE A 104 -17.63 11.62 27.03
N PHE A 105 -16.37 11.40 27.38
CA PHE A 105 -15.96 10.36 28.32
C PHE A 105 -15.49 10.96 29.63
N GLY A 106 -15.50 10.12 30.67
CA GLY A 106 -14.90 10.48 31.95
C GLY A 106 -13.39 10.37 31.89
N LYS A 107 -12.81 9.70 32.89
CA LYS A 107 -11.39 9.43 32.90
C LYS A 107 -11.01 8.00 33.23
N GLY A 108 -11.92 7.22 33.82
CA GLY A 108 -11.68 5.81 34.04
C GLY A 108 -11.42 5.41 35.47
N THR A 109 -12.07 4.32 35.91
CA THR A 109 -11.97 3.80 37.27
C THR A 109 -11.50 2.35 37.20
N ARG A 110 -10.19 2.14 37.34
CA ARG A 110 -9.63 0.80 37.23
C ARG A 110 -9.97 -0.03 38.46
N VAL A 111 -10.43 -1.26 38.25
CA VAL A 111 -10.70 -2.18 39.34
C VAL A 111 -9.69 -3.30 39.31
N THR A 112 -9.44 -3.88 40.50
CA THR A 112 -8.51 -4.98 40.65
C THR A 112 -9.16 -6.02 41.54
N VAL A 113 -9.10 -7.29 41.13
CA VAL A 113 -9.68 -8.39 41.90
C VAL A 113 -8.55 -9.22 42.47
N GLU A 114 -8.57 -9.43 43.79
CA GLU A 114 -7.55 -10.14 44.54
C GLU A 114 -8.09 -11.47 45.07
N PRO A 115 -7.26 -12.50 45.13
CA PRO A 115 -7.73 -13.82 45.58
C PRO A 115 -8.15 -13.78 47.05
N ARG A 116 -9.10 -14.66 47.38
CA ARG A 116 -9.62 -14.72 48.73
C ARG A 116 -8.65 -15.47 49.65
N SER A 117 -9.09 -15.69 50.88
CA SER A 117 -8.23 -16.30 51.90
C SER A 117 -7.89 -17.75 51.54
N GLN A 118 -6.63 -18.11 51.74
CA GLN A 118 -6.12 -19.45 51.51
C GLN A 118 -5.17 -19.82 52.63
N PRO A 119 -5.00 -21.10 52.92
CA PRO A 119 -4.08 -21.53 53.97
C PRO A 119 -2.62 -21.22 53.63
N HIS A 120 -1.83 -21.04 54.68
CA HIS A 120 -0.40 -20.82 54.52
C HIS A 120 0.24 -22.01 53.81
N THR A 121 1.14 -21.71 52.87
CA THR A 121 1.85 -22.74 52.13
C THR A 121 3.31 -22.36 51.98
N LYS A 122 4.18 -23.36 52.20
CA LYS A 122 5.63 -23.29 52.17
C LYS A 122 6.16 -23.09 50.76
N PRO A 123 7.06 -22.14 50.55
CA PRO A 123 7.63 -21.95 49.21
C PRO A 123 8.63 -23.05 48.86
N SER A 124 8.63 -23.46 47.61
CA SER A 124 9.62 -24.39 47.07
C SER A 124 10.54 -23.60 46.15
N VAL A 125 11.85 -23.77 46.33
CA VAL A 125 12.84 -22.94 45.65
C VAL A 125 13.69 -23.82 44.74
N PHE A 126 13.87 -23.38 43.50
CA PHE A 126 14.70 -24.06 42.52
C PHE A 126 15.65 -23.06 41.89
N VAL A 127 16.63 -23.56 41.16
CA VAL A 127 17.58 -22.72 40.44
C VAL A 127 17.86 -23.32 39.07
N MET A 128 17.82 -22.47 38.05
CA MET A 128 18.24 -22.83 36.71
C MET A 128 19.13 -21.72 36.18
N LYS A 129 19.97 -22.05 35.19
CA LYS A 129 20.93 -21.09 34.70
C LYS A 129 21.20 -21.33 33.22
N ASN A 130 21.83 -20.35 32.60
CA ASN A 130 22.28 -20.43 31.22
C ASN A 130 23.31 -19.33 31.03
N GLY A 131 24.44 -19.66 30.42
CA GLY A 131 25.47 -18.67 30.17
C GLY A 131 25.93 -18.00 31.45
N THR A 132 25.76 -16.67 31.52
CA THR A 132 26.12 -15.90 32.70
C THR A 132 24.93 -15.64 33.62
N ASN A 133 23.78 -15.28 33.05
CA ASN A 133 22.63 -14.93 33.88
C ASN A 133 22.02 -16.18 34.50
N VAL A 134 21.55 -16.03 35.74
CA VAL A 134 20.95 -17.11 36.51
C VAL A 134 19.65 -16.59 37.10
N ALA A 135 18.73 -17.48 37.40
CA ALA A 135 17.45 -17.12 37.98
C ALA A 135 16.95 -18.24 38.88
N CYS A 136 16.45 -17.85 40.05
CA CYS A 136 15.93 -18.86 40.99
C CYS A 136 14.41 -18.72 41.03
N LEU A 137 13.73 -19.82 40.71
CA LEU A 137 12.27 -19.86 40.67
C LEU A 137 11.77 -20.05 42.10
N VAL A 138 10.66 -19.40 42.42
CA VAL A 138 10.00 -19.63 43.70
C VAL A 138 8.57 -20.10 43.43
N LYS A 139 8.19 -21.22 44.02
CA LYS A 139 6.87 -21.79 43.81
C LYS A 139 5.86 -21.04 44.69
N GLU A 140 4.71 -21.66 44.93
CA GLU A 140 3.61 -20.99 45.62
C GLU A 140 4.03 -20.48 47.01
N PHE A 141 3.61 -19.26 47.33
CA PHE A 141 3.74 -18.75 48.70
C PHE A 141 2.53 -17.88 49.01
N TYR A 142 2.23 -17.75 50.31
CA TYR A 142 1.13 -16.93 50.80
C TYR A 142 1.48 -16.73 52.27
N PRO A 143 1.68 -15.48 52.76
CA PRO A 143 1.67 -14.15 52.19
C PRO A 143 2.40 -13.89 50.88
N LYS A 144 2.25 -12.67 50.34
CA LYS A 144 3.01 -12.23 49.18
C LYS A 144 4.27 -11.46 49.58
N ASP A 145 4.55 -11.34 50.87
CA ASP A 145 5.70 -10.60 51.37
C ASP A 145 6.89 -11.53 51.50
N ILE A 146 7.54 -11.83 50.39
CA ILE A 146 8.70 -12.71 50.36
C ILE A 146 9.87 -11.90 49.83
N ARG A 147 11.00 -11.91 50.54
CA ARG A 147 12.18 -11.20 50.09
C ARG A 147 13.25 -12.23 49.78
N ILE A 148 13.81 -12.12 48.57
CA ILE A 148 14.78 -13.10 48.10
C ILE A 148 16.13 -12.45 47.90
N ASN A 149 17.16 -13.01 48.53
CA ASN A 149 18.52 -12.55 48.38
C ASN A 149 19.36 -13.66 47.80
N LEU A 150 20.16 -13.32 46.80
CA LEU A 150 21.02 -14.28 46.11
C LEU A 150 22.45 -14.07 46.59
N VAL A 151 23.07 -15.15 47.05
CA VAL A 151 24.38 -15.10 47.68
C VAL A 151 25.43 -15.33 46.61
N SER A 152 26.29 -14.34 46.40
CA SER A 152 27.34 -14.42 45.38
C SER A 152 28.41 -13.39 45.70
N SER A 153 29.42 -13.33 44.84
CA SER A 153 30.56 -12.44 45.04
C SER A 153 30.49 -11.19 44.18
N LYS A 154 30.26 -11.34 42.88
CA LYS A 154 30.21 -10.21 41.95
C LYS A 154 28.79 -10.06 41.45
N LYS A 155 28.22 -8.86 41.62
CA LYS A 155 26.87 -8.58 41.17
C LYS A 155 26.90 -7.68 39.95
N ILE A 156 25.92 -7.87 39.07
CA ILE A 156 25.86 -7.10 37.83
C ILE A 156 24.58 -6.28 37.80
N THR A 157 23.43 -6.95 37.88
CA THR A 157 22.15 -6.28 37.85
C THR A 157 21.12 -7.09 38.62
N GLU A 158 20.17 -6.39 39.21
CA GLU A 158 19.08 -7.00 39.97
C GLU A 158 17.76 -6.55 39.38
N PHE A 159 16.73 -7.36 39.57
CA PHE A 159 15.39 -7.04 39.07
C PHE A 159 14.37 -7.49 40.11
N ASP A 160 13.20 -6.84 40.11
CA ASP A 160 12.10 -7.20 40.98
C ASP A 160 11.34 -8.37 40.37
N PRO A 161 11.19 -9.48 41.07
CA PRO A 161 10.81 -10.73 40.39
C PRO A 161 9.44 -10.76 39.75
N ALA A 162 8.40 -10.63 40.57
CA ALA A 162 7.01 -10.84 40.14
C ALA A 162 6.08 -10.77 41.34
N ILE A 163 4.80 -10.52 41.10
CA ILE A 163 3.77 -10.65 42.13
C ILE A 163 2.64 -11.48 41.54
N VAL A 164 3.01 -12.37 40.59
CA VAL A 164 2.05 -13.03 39.72
C VAL A 164 1.14 -13.98 40.50
N ILE A 165 -0.13 -14.01 40.15
CA ILE A 165 -1.10 -14.92 40.76
C ILE A 165 -1.23 -16.17 39.91
N SER A 166 -1.01 -17.33 40.51
CA SER A 166 -1.20 -18.62 39.85
C SER A 166 -2.68 -19.00 39.89
N PRO A 167 -3.15 -19.91 39.03
CA PRO A 167 -4.59 -20.18 39.02
C PRO A 167 -5.06 -21.12 40.12
N SER A 168 -4.14 -21.77 40.82
CA SER A 168 -4.53 -22.56 41.99
C SER A 168 -5.06 -21.66 43.09
N GLY A 169 -4.42 -20.52 43.31
CA GLY A 169 -4.84 -19.58 44.33
C GLY A 169 -3.69 -18.94 45.07
N LYS A 170 -2.49 -19.48 44.92
CA LYS A 170 -1.30 -19.01 45.62
C LYS A 170 -0.37 -18.35 44.61
N TYR A 171 0.27 -17.26 45.01
CA TYR A 171 1.10 -16.46 44.11
C TYR A 171 2.39 -17.20 43.75
N ASN A 172 2.98 -16.86 42.60
CA ASN A 172 4.29 -17.35 42.22
C ASN A 172 5.23 -16.18 41.96
N ALA A 173 6.51 -16.50 41.76
CA ALA A 173 7.53 -15.48 41.54
C ALA A 173 8.70 -16.08 40.78
N VAL A 174 9.39 -15.24 40.02
CA VAL A 174 10.62 -15.62 39.31
C VAL A 174 11.55 -14.42 39.31
N LYS A 175 12.71 -14.56 39.94
CA LYS A 175 13.68 -13.49 40.07
C LYS A 175 14.85 -13.73 39.13
N LEU A 176 15.21 -12.72 38.36
CA LEU A 176 16.28 -12.81 37.37
C LEU A 176 17.52 -12.06 37.86
N GLY A 177 18.56 -12.12 37.06
CA GLY A 177 19.81 -11.45 37.37
C GLY A 177 20.97 -12.18 36.71
N LYS A 178 22.13 -11.53 36.72
CA LYS A 178 23.37 -12.12 36.21
C LYS A 178 24.52 -11.83 37.16
N TYR A 179 25.42 -12.80 37.29
CA TYR A 179 26.56 -12.69 38.18
C TYR A 179 27.82 -13.21 37.50
N GLU A 180 28.96 -12.61 37.82
CA GLU A 180 30.22 -13.01 37.22
C GLU A 180 30.59 -14.43 37.63
N ASP A 181 30.40 -14.78 38.90
CA ASP A 181 30.64 -16.14 39.38
C ASP A 181 29.36 -16.94 39.21
N SER A 182 29.12 -17.35 37.97
CA SER A 182 27.91 -18.09 37.61
C SER A 182 28.05 -19.59 37.81
N ASN A 183 29.17 -20.05 38.37
CA ASN A 183 29.39 -21.48 38.55
C ASN A 183 28.34 -22.10 39.47
N SER A 184 28.05 -21.44 40.60
CA SER A 184 27.09 -21.97 41.56
C SER A 184 26.62 -20.82 42.43
N VAL A 185 25.35 -20.42 42.26
CA VAL A 185 24.74 -19.34 43.03
C VAL A 185 23.40 -19.85 43.55
N THR A 186 23.13 -19.62 44.83
CA THR A 186 21.84 -19.96 45.41
C THR A 186 21.18 -18.70 45.97
N CYS A 187 19.87 -18.81 46.24
CA CYS A 187 19.11 -17.70 46.79
C CYS A 187 18.40 -18.16 48.05
N SER A 188 18.26 -17.25 49.01
CA SER A 188 17.65 -17.54 50.31
C SER A 188 16.27 -16.91 50.37
N VAL A 189 15.27 -17.69 50.76
CA VAL A 189 13.87 -17.27 50.74
C VAL A 189 13.32 -17.40 52.16
N GLN A 190 12.68 -16.34 52.64
CA GLN A 190 12.07 -16.31 53.97
C GLN A 190 10.60 -15.97 53.84
N HIS A 191 9.73 -16.81 54.42
CA HIS A 191 8.29 -16.62 54.36
C HIS A 191 7.69 -17.15 55.65
N ASP A 192 6.75 -16.39 56.23
CA ASP A 192 6.10 -16.72 57.50
C ASP A 192 7.14 -16.95 58.61
N ASN A 193 8.07 -15.99 58.72
CA ASN A 193 9.11 -15.94 59.73
C ASN A 193 10.08 -17.11 59.66
N LYS A 194 10.05 -17.91 58.61
CA LYS A 194 10.97 -19.03 58.45
C LYS A 194 11.66 -18.92 57.11
N THR A 195 12.93 -19.36 57.07
CA THR A 195 13.76 -19.26 55.89
C THR A 195 13.97 -20.65 55.30
N VAL A 196 13.73 -20.77 54.00
CA VAL A 196 13.90 -22.03 53.27
C VAL A 196 14.95 -21.82 52.20
N HIS A 197 15.98 -22.67 52.21
CA HIS A 197 17.05 -22.58 51.23
C HIS A 197 16.70 -23.37 49.99
N SER A 198 17.66 -23.46 49.06
CA SER A 198 17.43 -24.16 47.80
C SER A 198 18.14 -25.51 47.72
N THR A 199 19.27 -25.67 48.42
CA THR A 199 20.05 -26.89 48.33
C THR A 199 19.42 -28.06 49.09
N ASP A 200 18.51 -27.78 50.03
CA ASP A 200 17.92 -28.83 50.84
C ASP A 200 16.93 -29.69 50.07
N PHE A 201 16.60 -29.32 48.83
CA PHE A 201 15.67 -30.12 48.04
C PHE A 201 16.34 -31.31 47.36
N GLU A 202 17.67 -31.37 47.39
CA GLU A 202 18.39 -32.50 46.81
C GLU A 202 19.30 -33.16 47.85
N GLY B 1 -6.19 -7.62 17.21
CA GLY B 1 -4.87 -7.56 17.82
C GLY B 1 -4.19 -6.22 17.65
N THR B 2 -3.90 -5.57 18.78
CA THR B 2 -3.35 -4.23 18.75
C THR B 2 -1.96 -4.25 18.12
N LYS B 3 -1.58 -3.12 17.55
CA LYS B 3 -0.38 -3.00 16.73
C LYS B 3 0.50 -1.88 17.26
N SER B 4 1.47 -1.47 16.44
CA SER B 4 2.33 -0.36 16.82
C SER B 4 2.92 0.25 15.56
N VAL B 5 2.92 1.57 15.49
CA VAL B 5 3.50 2.34 14.41
C VAL B 5 4.52 3.30 15.01
N THR B 6 5.75 3.28 14.49
CA THR B 6 6.85 4.05 15.03
C THR B 6 7.48 4.86 13.91
N ARG B 7 7.61 6.17 14.12
CA ARG B 7 8.09 7.09 13.10
C ARG B 7 8.89 8.23 13.74
N PRO B 8 9.79 8.85 12.99
CA PRO B 8 10.54 10.00 13.54
C PRO B 8 9.76 11.30 13.51
N THR B 9 10.44 12.42 13.76
CA THR B 9 9.79 13.72 13.66
C THR B 9 9.90 14.27 12.25
N ARG B 10 9.00 15.22 11.95
CA ARG B 10 8.89 15.87 10.64
C ARG B 10 8.56 14.88 9.53
N SER B 11 7.71 13.90 9.83
CA SER B 11 7.32 12.90 8.84
C SER B 11 5.86 12.53 9.04
N SER B 12 5.37 11.54 8.30
CA SER B 12 3.95 11.21 8.28
C SER B 12 3.74 9.74 8.57
N ALA B 13 2.52 9.40 9.00
CA ALA B 13 2.18 8.05 9.42
C ALA B 13 0.79 7.70 8.93
N GLU B 14 0.52 6.40 8.81
CA GLU B 14 -0.77 5.90 8.36
C GLU B 14 -1.36 4.98 9.39
N ILE B 15 -2.60 5.23 9.79
CA ILE B 15 -3.32 4.45 10.79
C ILE B 15 -4.52 3.83 10.09
N THR B 16 -4.61 2.51 10.11
CA THR B 16 -5.64 1.78 9.39
C THR B 16 -6.67 1.27 10.39
N CYS B 17 -7.95 1.35 10.04
CA CYS B 17 -8.94 0.85 10.97
C CYS B 17 -9.81 -0.22 10.31
N ASP B 18 -10.04 -1.28 11.07
CA ASP B 18 -10.44 -2.58 10.54
C ASP B 18 -11.84 -3.02 10.89
N LEU B 19 -12.84 -2.16 10.86
CA LEU B 19 -14.21 -2.61 11.10
C LEU B 19 -14.78 -3.29 9.86
N THR B 20 -15.86 -4.03 10.07
CA THR B 20 -16.58 -4.71 8.99
C THR B 20 -18.02 -4.18 8.99
N VAL B 21 -18.24 -3.09 8.26
CA VAL B 21 -19.53 -2.41 8.24
C VAL B 21 -20.06 -2.43 6.81
N ILE B 22 -21.30 -2.88 6.65
CA ILE B 22 -21.92 -2.95 5.34
C ILE B 22 -22.63 -1.65 4.95
N ASN B 23 -23.67 -1.24 5.68
CA ASN B 23 -24.44 -0.03 5.34
C ASN B 23 -23.88 1.12 6.16
N ALA B 24 -22.61 1.43 5.95
CA ALA B 24 -21.91 2.46 6.69
C ALA B 24 -22.35 3.82 6.18
N PHE B 25 -22.53 4.76 7.10
CA PHE B 25 -22.80 6.14 6.73
C PHE B 25 -21.74 7.11 7.21
N TYR B 26 -21.25 6.97 8.45
CA TYR B 26 -20.26 7.90 8.98
C TYR B 26 -19.18 7.13 9.72
N ILE B 27 -17.97 7.69 9.74
CA ILE B 27 -16.81 7.10 10.41
C ILE B 27 -16.17 8.16 11.28
N HIS B 28 -16.25 8.00 12.60
CA HIS B 28 -15.71 8.95 13.58
C HIS B 28 -14.37 8.45 14.09
N TRP B 29 -13.40 9.35 14.20
CA TRP B 29 -12.06 9.04 14.71
C TRP B 29 -11.87 9.63 16.11
N TYR B 30 -11.01 9.01 16.91
CA TYR B 30 -10.76 9.45 18.28
C TYR B 30 -9.26 9.43 18.62
N LEU B 31 -8.98 9.59 19.91
CA LEU B 31 -7.62 9.55 20.46
C LEU B 31 -7.73 9.42 21.97
N HIS B 32 -6.92 8.53 22.55
CA HIS B 32 -6.89 8.29 23.98
C HIS B 32 -5.46 8.36 24.47
N GLN B 33 -5.06 9.50 25.00
CA GLN B 33 -3.72 9.70 25.54
C GLN B 33 -3.70 9.35 27.02
N GLU B 34 -2.48 9.22 27.55
CA GLU B 34 -2.27 8.82 28.94
C GLU B 34 -2.66 9.95 29.89
N GLY B 35 -3.27 9.60 31.01
CA GLY B 35 -3.69 10.58 32.00
C GLY B 35 -4.79 11.51 31.55
N LYS B 36 -5.10 11.55 30.26
CA LYS B 36 -6.16 12.36 29.69
C LYS B 36 -7.39 11.48 29.46
N ALA B 37 -8.35 11.97 28.70
CA ALA B 37 -9.54 11.23 28.34
C ALA B 37 -9.59 10.99 26.83
N PRO B 38 -10.36 9.97 26.39
CA PRO B 38 -10.61 9.80 24.95
C PRO B 38 -11.47 10.93 24.39
N GLN B 39 -11.01 11.56 23.33
CA GLN B 39 -11.69 12.71 22.73
C GLN B 39 -11.82 12.54 21.23
N ARG B 40 -12.97 12.94 20.68
CA ARG B 40 -13.16 12.90 19.24
C ARG B 40 -12.31 13.96 18.57
N LEU B 41 -11.94 13.71 17.32
CA LEU B 41 -11.00 14.57 16.64
C LEU B 41 -11.49 15.01 15.26
N LEU B 42 -12.26 14.18 14.56
CA LEU B 42 -12.92 14.57 13.31
C LEU B 42 -13.89 13.46 12.97
N TYR B 43 -14.47 13.53 11.78
CA TYR B 43 -15.34 12.47 11.25
C TYR B 43 -15.53 12.70 9.76
N TYR B 44 -16.21 11.76 9.10
CA TYR B 44 -16.14 11.63 7.64
C TYR B 44 -17.40 10.97 7.13
N ASP B 45 -17.99 11.54 6.08
CA ASP B 45 -19.24 11.06 5.52
C ASP B 45 -18.99 10.33 4.21
N VAL B 46 -19.58 9.14 4.09
CA VAL B 46 -19.19 8.24 3.01
C VAL B 46 -19.67 8.76 1.66
N SER B 47 -20.90 9.29 1.62
CA SER B 47 -21.54 9.62 0.35
C SER B 47 -20.90 10.81 -0.35
N ASN B 48 -20.63 11.90 0.35
CA ASN B 48 -20.10 13.10 -0.27
C ASN B 48 -18.58 13.15 -0.28
N SER B 49 -17.92 12.40 0.59
CA SER B 49 -16.46 12.30 0.67
C SER B 49 -15.82 13.62 1.14
N LYS B 50 -16.17 14.02 2.36
CA LYS B 50 -15.71 15.29 2.91
C LYS B 50 -15.22 15.13 4.34
N ASP B 51 -14.18 15.90 4.69
CA ASP B 51 -13.58 15.89 6.02
C ASP B 51 -14.06 17.07 6.86
N VAL B 52 -14.59 16.77 8.04
CA VAL B 52 -15.21 17.75 8.94
C VAL B 52 -14.34 17.86 10.19
N LEU B 53 -13.40 18.79 10.20
CA LEU B 53 -12.48 18.97 11.31
C LEU B 53 -13.21 19.45 12.56
N GLU B 54 -12.50 19.47 13.68
CA GLU B 54 -13.00 20.02 14.92
C GLU B 54 -12.44 21.43 15.16
N SER B 55 -13.04 22.13 16.11
CA SER B 55 -12.69 23.52 16.38
C SER B 55 -11.30 23.61 16.97
N GLY B 56 -10.45 24.43 16.35
CA GLY B 56 -9.09 24.63 16.79
C GLY B 56 -8.05 23.86 16.01
N LEU B 57 -8.45 22.85 15.23
CA LEU B 57 -7.50 22.05 14.48
C LEU B 57 -7.19 22.69 13.14
N SER B 58 -5.89 22.87 12.85
CA SER B 58 -5.42 23.52 11.64
C SER B 58 -5.66 22.62 10.43
N PRO B 59 -6.17 23.17 9.33
CA PRO B 59 -6.41 22.35 8.14
C PRO B 59 -5.11 21.86 7.53
N GLY B 60 -5.17 20.68 6.91
CA GLY B 60 -3.97 20.06 6.38
C GLY B 60 -3.21 19.23 7.38
N LYS B 61 -3.89 18.58 8.31
CA LYS B 61 -3.29 17.77 9.36
C LYS B 61 -3.86 16.36 9.42
N TYR B 62 -5.11 16.16 9.03
CA TYR B 62 -5.77 14.86 9.07
C TYR B 62 -6.52 14.63 7.76
N TYR B 63 -6.33 13.44 7.17
CA TYR B 63 -6.96 13.06 5.90
C TYR B 63 -7.50 11.65 6.04
N THR B 64 -8.66 11.39 5.46
CA THR B 64 -9.19 10.03 5.39
C THR B 64 -9.13 9.56 3.96
N HIS B 65 -8.62 8.35 3.75
CA HIS B 65 -8.37 7.82 2.42
C HIS B 65 -9.01 6.45 2.26
N THR B 66 -9.90 6.34 1.28
CA THR B 66 -10.58 5.08 0.99
C THR B 66 -9.92 4.44 -0.22
N PRO B 67 -9.28 3.26 -0.08
CA PRO B 67 -8.54 2.69 -1.21
C PRO B 67 -9.34 1.69 -2.04
N ARG B 68 -10.43 1.19 -1.46
CA ARG B 68 -11.39 0.34 -2.15
C ARG B 68 -12.69 0.41 -1.36
N ARG B 69 -13.74 -0.22 -1.88
CA ARG B 69 -15.03 -0.11 -1.23
C ARG B 69 -14.99 -0.72 0.16
N TRP B 70 -15.55 0.00 1.14
CA TRP B 70 -15.62 -0.42 2.54
C TRP B 70 -14.22 -0.59 3.15
N SER B 71 -13.32 0.31 2.78
CA SER B 71 -11.97 0.32 3.33
C SER B 71 -11.59 1.76 3.62
N TRP B 72 -11.16 2.03 4.86
CA TRP B 72 -10.85 3.40 5.29
C TRP B 72 -9.53 3.45 6.05
N ILE B 73 -8.88 4.60 6.02
CA ILE B 73 -7.54 4.82 6.56
C ILE B 73 -7.47 6.27 7.05
N LEU B 74 -6.65 6.54 8.07
CA LEU B 74 -6.40 7.92 8.49
C LEU B 74 -4.92 8.25 8.34
N ILE B 75 -4.62 9.35 7.67
CA ILE B 75 -3.24 9.77 7.40
C ILE B 75 -2.96 11.01 8.24
N LEU B 76 -1.78 11.03 8.87
CA LEU B 76 -1.33 12.12 9.74
C LEU B 76 -0.10 12.77 9.14
N ARG B 77 0.04 14.07 9.32
CA ARG B 77 1.09 14.84 8.68
C ARG B 77 1.79 15.75 9.67
N ASN B 78 3.08 16.00 9.44
CA ASN B 78 3.87 16.90 10.28
C ASN B 78 3.87 16.45 11.75
N LEU B 79 4.44 15.27 11.98
CA LEU B 79 4.38 14.65 13.29
C LEU B 79 5.23 15.39 14.30
N ILE B 80 4.65 15.69 15.46
CA ILE B 80 5.35 16.23 16.62
C ILE B 80 5.11 15.27 17.78
N GLU B 81 5.92 15.40 18.84
CA GLU B 81 5.92 14.40 19.90
C GLU B 81 4.60 14.35 20.68
N ASN B 82 3.73 15.33 20.50
CA ASN B 82 2.44 15.33 21.18
C ASN B 82 1.39 14.53 20.44
N ASP B 83 1.73 13.95 19.29
CA ASP B 83 0.79 13.19 18.47
C ASP B 83 0.59 11.77 18.98
N SER B 84 1.47 11.29 19.86
CA SER B 84 1.53 9.89 20.26
C SER B 84 0.38 9.49 21.17
N GLY B 85 -0.15 8.29 20.95
CA GLY B 85 -1.24 7.78 21.75
C GLY B 85 -1.86 6.57 21.09
N VAL B 86 -3.12 6.32 21.40
CA VAL B 86 -3.89 5.21 20.85
C VAL B 86 -5.06 5.79 20.06
N TYR B 87 -5.25 5.30 18.82
CA TYR B 87 -6.26 5.81 17.90
C TYR B 87 -7.31 4.75 17.64
N TYR B 88 -8.57 5.15 17.60
CA TYR B 88 -9.70 4.24 17.43
C TYR B 88 -10.44 4.59 16.15
N CYS B 89 -11.58 3.94 15.96
CA CYS B 89 -12.42 4.08 14.77
C CYS B 89 -13.82 3.60 15.11
N ALA B 90 -14.82 4.44 14.83
CA ALA B 90 -16.17 4.10 15.27
C ALA B 90 -17.18 4.41 14.18
N THR B 91 -18.32 3.71 14.26
CA THR B 91 -19.54 4.04 13.52
C THR B 91 -20.71 3.76 14.44
N TRP B 92 -21.82 4.43 14.19
CA TRP B 92 -23.04 4.17 14.97
C TRP B 92 -23.76 3.01 14.31
N ASP B 93 -23.70 1.85 14.93
CA ASP B 93 -24.26 0.62 14.37
C ASP B 93 -25.21 -0.01 15.38
N ARG B 94 -26.30 -0.57 14.87
CA ARG B 94 -27.33 -1.18 15.72
C ARG B 94 -27.71 -2.56 15.19
N GLY B 95 -26.72 -3.44 15.03
CA GLY B 95 -25.34 -3.37 15.48
C GLY B 95 -24.75 -4.76 15.64
N ASN B 96 -23.67 -4.86 16.40
CA ASN B 96 -23.06 -6.17 16.65
C ASN B 96 -24.03 -7.07 17.42
N PRO B 97 -24.66 -6.61 18.50
CA PRO B 97 -25.69 -7.44 19.16
C PRO B 97 -27.02 -7.49 18.41
N LYS B 98 -27.18 -6.69 17.36
CA LYS B 98 -28.42 -6.62 16.57
C LYS B 98 -29.61 -6.22 17.46
N THR B 99 -29.50 -5.03 18.03
CA THR B 99 -30.54 -4.48 18.87
C THR B 99 -31.14 -3.25 18.21
N HIS B 100 -32.08 -2.60 18.92
CA HIS B 100 -32.83 -1.48 18.39
C HIS B 100 -32.22 -0.12 18.70
N TYR B 101 -31.15 -0.06 19.48
CA TYR B 101 -30.61 1.23 19.89
C TYR B 101 -29.20 1.44 19.33
N TYR B 102 -28.99 2.61 18.74
CA TYR B 102 -27.74 2.96 18.07
C TYR B 102 -26.63 3.07 19.12
N LYS B 103 -25.65 2.18 19.06
CA LYS B 103 -24.51 2.24 19.94
C LYS B 103 -23.23 2.22 19.13
N LYS B 104 -22.32 3.11 19.48
CA LYS B 104 -21.09 3.28 18.72
C LYS B 104 -20.16 2.11 18.98
N LEU B 105 -19.91 1.31 17.94
CA LEU B 105 -18.97 0.20 17.99
C LEU B 105 -17.57 0.72 17.72
N PHE B 106 -16.58 0.16 18.40
CA PHE B 106 -15.22 0.67 18.33
C PHE B 106 -14.27 -0.32 17.65
N GLY B 107 -13.15 0.21 17.18
CA GLY B 107 -12.14 -0.58 16.51
C GLY B 107 -11.30 -1.38 17.49
N SER B 108 -9.98 -1.42 17.28
CA SER B 108 -9.09 -2.10 18.22
C SER B 108 -7.88 -1.29 18.63
N GLY B 109 -7.62 -0.15 18.04
CA GLY B 109 -6.55 0.66 18.57
C GLY B 109 -5.23 0.44 17.86
N THR B 110 -4.36 1.44 17.94
CA THR B 110 -3.04 1.40 17.35
C THR B 110 -2.18 2.40 18.10
N THR B 111 -1.03 1.97 18.56
CA THR B 111 -0.14 2.83 19.34
C THR B 111 0.84 3.50 18.38
N LEU B 112 0.96 4.81 18.49
CA LEU B 112 1.90 5.55 17.65
C LEU B 112 2.96 6.19 18.54
N VAL B 113 4.23 5.90 18.23
CA VAL B 113 5.36 6.37 19.02
C VAL B 113 6.18 7.30 18.14
N VAL B 114 6.31 8.55 18.55
CA VAL B 114 7.08 9.55 17.81
C VAL B 114 8.43 9.70 18.49
N THR B 115 9.49 9.33 17.78
CA THR B 115 10.84 9.24 18.32
C THR B 115 11.71 10.34 17.75
N ASP B 116 12.94 10.42 18.25
CA ASP B 116 13.91 11.38 17.77
C ASP B 116 15.33 10.83 17.66
N LYS B 117 15.56 9.58 18.08
CA LYS B 117 16.92 9.09 18.26
C LYS B 117 17.44 8.34 17.03
N GLN B 118 16.78 7.24 16.67
CA GLN B 118 17.18 6.40 15.54
C GLN B 118 18.64 5.96 15.67
N LEU B 119 19.00 5.49 16.87
CA LEU B 119 20.41 5.24 17.18
C LEU B 119 20.88 3.88 16.68
N ASP B 120 20.34 2.81 17.25
CA ASP B 120 20.79 1.46 16.95
C ASP B 120 19.84 0.80 15.97
N ALA B 121 20.42 0.05 15.03
CA ALA B 121 19.62 -0.57 13.97
C ALA B 121 18.78 -1.71 14.50
N ASP B 122 19.43 -2.79 14.95
CA ASP B 122 18.71 -3.99 15.36
C ASP B 122 18.13 -3.77 16.74
N VAL B 123 16.83 -3.50 16.80
CA VAL B 123 16.11 -3.36 18.06
C VAL B 123 15.07 -4.46 18.13
N SER B 124 15.28 -5.53 17.37
CA SER B 124 14.42 -6.70 17.42
C SER B 124 14.72 -7.55 18.67
N PRO B 125 13.71 -8.21 19.23
CA PRO B 125 13.91 -8.99 20.46
C PRO B 125 14.89 -10.15 20.25
N LYS B 126 15.74 -10.41 21.28
CA LYS B 126 16.80 -11.42 21.24
C LYS B 126 16.53 -12.54 22.24
N PRO B 127 16.10 -13.71 21.79
CA PRO B 127 15.69 -14.76 22.73
C PRO B 127 16.85 -15.37 23.50
N THR B 128 16.49 -16.00 24.61
CA THR B 128 17.44 -16.78 25.43
C THR B 128 16.66 -17.91 26.08
N ILE B 129 17.19 -19.12 25.99
CA ILE B 129 16.50 -20.31 26.47
C ILE B 129 17.14 -20.76 27.78
N PHE B 130 16.32 -20.96 28.80
CA PHE B 130 16.77 -21.49 30.09
C PHE B 130 16.29 -22.92 30.20
N LEU B 131 17.24 -23.86 30.19
CA LEU B 131 16.92 -25.28 30.18
C LEU B 131 16.53 -25.75 31.58
N PRO B 132 15.38 -26.40 31.74
CA PRO B 132 14.89 -26.71 33.08
C PRO B 132 15.80 -27.69 33.80
N SER B 133 15.86 -27.53 35.12
CA SER B 133 16.70 -28.39 35.94
C SER B 133 16.04 -29.75 36.12
N ILE B 134 16.80 -30.82 35.87
CA ILE B 134 16.28 -32.16 36.02
C ILE B 134 15.98 -32.52 37.46
N ALA B 135 16.58 -31.81 38.41
CA ALA B 135 16.27 -32.04 39.82
C ALA B 135 14.84 -31.66 40.15
N GLU B 136 14.27 -30.69 39.42
CA GLU B 136 12.89 -30.27 39.67
C GLU B 136 11.92 -31.40 39.35
N THR B 137 12.16 -32.14 38.27
CA THR B 137 11.30 -33.26 37.91
C THR B 137 11.40 -34.41 38.89
N LYS B 138 12.42 -34.43 39.76
CA LYS B 138 12.61 -35.55 40.66
C LYS B 138 11.58 -35.52 41.80
N LEU B 139 11.28 -34.34 42.32
CA LEU B 139 10.40 -34.24 43.48
C LEU B 139 8.92 -34.30 43.07
N GLN B 140 8.48 -33.34 42.27
CA GLN B 140 7.07 -33.21 41.94
C GLN B 140 6.70 -33.66 40.53
N LYS B 141 7.67 -34.18 39.76
CA LYS B 141 7.42 -34.70 38.41
C LYS B 141 6.81 -33.64 37.49
N ALA B 142 7.38 -32.44 37.55
CA ALA B 142 6.94 -31.34 36.69
C ALA B 142 8.15 -30.50 36.31
N GLY B 143 8.15 -30.02 35.07
CA GLY B 143 9.23 -29.20 34.55
C GLY B 143 8.74 -27.80 34.22
N THR B 144 9.56 -26.80 34.57
CA THR B 144 9.26 -25.41 34.30
C THR B 144 10.45 -24.76 33.60
N TYR B 145 10.18 -24.07 32.49
CA TYR B 145 11.22 -23.45 31.70
C TYR B 145 10.85 -22.00 31.42
N LEU B 146 11.89 -21.18 31.24
CA LEU B 146 11.76 -19.74 31.16
C LEU B 146 12.24 -19.24 29.81
N CYS B 147 11.44 -18.38 29.18
CA CYS B 147 11.78 -17.75 27.92
C CYS B 147 12.03 -16.28 28.16
N LEU B 148 13.22 -15.80 27.81
CA LEU B 148 13.64 -14.43 28.08
C LEU B 148 13.89 -13.69 26.77
N LEU B 149 13.29 -12.50 26.65
CA LEU B 149 13.48 -11.63 25.50
C LEU B 149 14.17 -10.36 25.97
N GLU B 150 15.09 -9.84 25.16
CA GLU B 150 15.84 -8.66 25.55
C GLU B 150 16.11 -7.78 24.35
N LYS B 151 16.27 -6.48 24.62
CA LYS B 151 16.65 -5.47 23.63
C LYS B 151 15.60 -5.30 22.52
N PHE B 152 14.41 -4.84 22.91
CA PHE B 152 13.38 -4.50 21.94
C PHE B 152 12.78 -3.13 22.22
N PHE B 153 12.25 -2.49 21.16
CA PHE B 153 11.73 -1.12 21.17
C PHE B 153 10.66 -1.06 20.08
N PRO B 154 9.45 -0.59 20.38
CA PRO B 154 8.91 -0.10 21.65
C PRO B 154 8.52 -1.19 22.63
N ASP B 155 7.61 -0.92 23.56
CA ASP B 155 7.27 -1.82 24.65
C ASP B 155 6.05 -2.68 24.36
N VAL B 156 5.48 -2.61 23.15
CA VAL B 156 4.34 -3.44 22.78
C VAL B 156 4.86 -4.80 22.35
N ILE B 157 4.28 -5.86 22.91
CA ILE B 157 4.82 -7.21 22.77
C ILE B 157 3.69 -8.20 22.94
N LYS B 158 3.93 -9.45 22.51
CA LYS B 158 2.99 -10.54 22.70
C LYS B 158 3.74 -11.85 22.92
N ILE B 159 3.12 -12.73 23.71
CA ILE B 159 3.71 -14.01 24.10
C ILE B 159 2.65 -15.10 24.01
N HIS B 160 3.03 -16.22 23.39
CA HIS B 160 2.15 -17.39 23.29
C HIS B 160 2.96 -18.64 23.61
N TRP B 161 2.25 -19.70 24.00
CA TRP B 161 2.90 -21.00 24.19
C TRP B 161 2.14 -22.04 23.37
N GLN B 162 2.83 -22.69 22.44
CA GLN B 162 2.27 -23.69 21.54
C GLN B 162 2.72 -25.09 21.95
N GLU B 163 2.29 -26.08 21.17
CA GLU B 163 2.70 -27.46 21.36
C GLU B 163 3.04 -28.14 20.04
N LYS B 164 3.18 -27.34 18.97
CA LYS B 164 3.63 -27.80 17.66
C LYS B 164 2.63 -28.73 16.97
N LYS B 165 1.50 -29.02 17.62
CA LYS B 165 0.50 -29.93 17.06
C LYS B 165 -0.82 -29.24 16.77
N SER B 166 -1.42 -28.58 17.75
CA SER B 166 -2.73 -27.98 17.60
C SER B 166 -2.66 -26.46 17.70
N ASN B 167 -3.73 -25.81 17.24
CA ASN B 167 -3.86 -24.36 17.35
C ASN B 167 -4.56 -23.98 18.65
N THR B 168 -4.03 -24.52 19.74
CA THR B 168 -4.47 -24.18 21.08
C THR B 168 -3.28 -23.61 21.84
N ILE B 169 -3.46 -22.42 22.41
CA ILE B 169 -2.40 -21.74 23.14
C ILE B 169 -2.51 -22.10 24.61
N LEU B 170 -1.41 -22.58 25.18
CA LEU B 170 -1.39 -23.04 26.56
C LEU B 170 -1.38 -21.85 27.53
N GLY B 171 -2.06 -22.04 28.66
CA GLY B 171 -2.06 -21.03 29.71
C GLY B 171 -0.74 -21.00 30.47
N SER B 172 -0.15 -19.81 30.59
CA SER B 172 1.19 -19.67 31.15
C SER B 172 1.21 -18.46 32.09
N GLN B 173 2.43 -18.06 32.47
CA GLN B 173 2.65 -16.98 33.42
C GLN B 173 3.52 -15.91 32.78
N GLU B 174 3.23 -14.66 33.11
CA GLU B 174 3.81 -13.53 32.40
C GLU B 174 4.45 -12.55 33.38
N GLY B 175 5.58 -11.98 32.97
CA GLY B 175 6.30 -11.03 33.79
C GLY B 175 5.81 -9.61 33.62
N ASN B 176 6.75 -8.66 33.48
CA ASN B 176 6.41 -7.26 33.31
C ASN B 176 7.53 -6.59 32.53
N THR B 177 7.16 -5.69 31.63
CA THR B 177 8.15 -5.01 30.81
C THR B 177 8.93 -4.03 31.66
N MET B 178 10.25 -4.06 31.56
CA MET B 178 11.13 -3.25 32.38
C MET B 178 12.14 -2.56 31.48
N LYS B 179 12.44 -1.30 31.77
CA LYS B 179 13.30 -0.50 30.92
C LYS B 179 14.74 -0.61 31.37
N THR B 180 15.63 -0.97 30.44
CA THR B 180 17.06 -1.15 30.72
C THR B 180 17.86 -0.31 29.72
N ASN B 181 18.30 0.87 30.15
CA ASN B 181 19.12 1.76 29.35
C ASN B 181 18.44 2.06 28.00
N ASP B 182 17.28 2.70 28.12
CA ASP B 182 16.43 3.14 27.01
C ASP B 182 16.00 2.02 26.08
N THR B 183 15.97 0.78 26.56
CA THR B 183 15.40 -0.34 25.82
C THR B 183 14.76 -1.28 26.82
N TYR B 184 13.77 -2.06 26.39
CA TYR B 184 12.97 -2.87 27.29
C TYR B 184 13.40 -4.34 27.21
N MET B 185 12.93 -5.11 28.20
CA MET B 185 13.19 -6.54 28.25
C MET B 185 12.04 -7.20 29.03
N LYS B 186 11.82 -8.48 28.74
CA LYS B 186 10.64 -9.16 29.25
C LYS B 186 10.89 -10.66 29.25
N PHE B 187 10.13 -11.39 30.06
CA PHE B 187 10.21 -12.84 30.07
C PHE B 187 8.89 -13.46 30.50
N SER B 188 8.74 -14.75 30.20
CA SER B 188 7.58 -15.53 30.60
C SER B 188 7.98 -17.00 30.72
N TRP B 189 7.14 -17.78 31.40
CA TRP B 189 7.46 -19.17 31.67
C TRP B 189 6.19 -20.00 31.65
N LEU B 190 6.37 -21.32 31.49
CA LEU B 190 5.28 -22.27 31.40
C LEU B 190 5.65 -23.54 32.16
N THR B 191 4.63 -24.24 32.68
CA THR B 191 4.82 -25.50 33.36
C THR B 191 4.27 -26.63 32.50
N VAL B 192 5.02 -27.71 32.41
CA VAL B 192 4.64 -28.90 31.62
C VAL B 192 4.23 -29.99 32.59
N PRO B 193 3.04 -30.58 32.44
CA PRO B 193 2.67 -31.73 33.29
C PRO B 193 3.46 -32.97 32.94
N GLU B 194 3.44 -33.98 33.82
CA GLU B 194 4.24 -35.18 33.59
C GLU B 194 3.77 -35.95 32.36
N GLU B 195 2.50 -35.81 31.98
CA GLU B 195 1.95 -36.61 30.90
C GLU B 195 2.39 -36.13 29.51
N SER B 196 2.99 -34.96 29.39
CA SER B 196 3.36 -34.42 28.09
C SER B 196 4.84 -34.05 28.07
N LEU B 197 5.66 -34.79 28.81
CA LEU B 197 7.09 -34.53 28.87
C LEU B 197 7.81 -34.88 27.57
N ASP B 198 7.29 -35.85 26.82
CA ASP B 198 7.93 -36.29 25.57
C ASP B 198 7.49 -35.48 24.36
N LYS B 199 6.47 -34.63 24.51
CA LYS B 199 5.95 -33.83 23.41
C LYS B 199 6.74 -32.52 23.33
N GLU B 200 6.93 -32.03 22.10
CA GLU B 200 7.61 -30.77 21.88
C GLU B 200 6.63 -29.61 22.02
N HIS B 201 7.14 -28.46 22.45
CA HIS B 201 6.31 -27.29 22.70
C HIS B 201 7.01 -26.02 22.23
N ARG B 202 6.21 -25.02 21.89
CA ARG B 202 6.64 -23.86 21.11
C ARG B 202 6.14 -22.56 21.73
N CYS B 203 6.85 -21.47 21.44
CA CYS B 203 6.59 -20.14 22.01
C CYS B 203 6.89 -19.08 20.95
N ILE B 204 5.92 -18.23 20.65
CA ILE B 204 6.06 -17.23 19.59
C ILE B 204 5.85 -15.83 20.15
N VAL B 205 6.62 -14.88 19.63
CA VAL B 205 6.49 -13.48 20.01
C VAL B 205 6.00 -12.69 18.80
N ARG B 206 5.31 -11.59 19.09
CA ARG B 206 4.78 -10.71 18.05
C ARG B 206 5.24 -9.29 18.36
N HIS B 207 6.16 -8.78 17.55
CA HIS B 207 6.68 -7.45 17.77
C HIS B 207 6.73 -6.74 16.43
N GLU B 208 6.63 -5.41 16.48
CA GLU B 208 6.62 -4.63 15.25
C GLU B 208 7.93 -4.77 14.49
N ASN B 209 9.05 -4.78 15.19
CA ASN B 209 10.35 -4.89 14.54
C ASN B 209 10.83 -6.32 14.47
N ASN B 210 9.96 -7.26 14.08
CA ASN B 210 10.43 -8.60 13.81
C ASN B 210 11.09 -8.65 12.43
N LYS B 211 12.10 -9.52 12.31
CA LYS B 211 12.81 -9.68 11.05
C LYS B 211 11.88 -10.22 9.99
N ASN B 212 11.93 -9.60 8.81
CA ASN B 212 11.12 -9.96 7.64
C ASN B 212 9.62 -9.81 7.89
N GLY B 213 9.23 -9.16 8.98
CA GLY B 213 7.82 -8.93 9.25
C GLY B 213 7.06 -10.14 9.72
N VAL B 214 7.74 -11.23 10.05
CA VAL B 214 7.10 -12.49 10.43
C VAL B 214 7.40 -12.76 11.89
N ASP B 215 6.50 -13.50 12.53
CA ASP B 215 6.65 -13.80 13.95
C ASP B 215 7.87 -14.66 14.20
N GLN B 216 8.63 -14.30 15.23
CA GLN B 216 9.78 -15.08 15.64
C GLN B 216 9.33 -16.44 16.17
N GLU B 217 10.12 -17.46 15.85
CA GLU B 217 9.78 -18.83 16.22
C GLU B 217 10.81 -19.32 17.23
N ILE B 218 10.33 -19.83 18.36
CA ILE B 218 11.19 -20.39 19.39
C ILE B 218 10.81 -21.85 19.57
N ILE B 219 11.78 -22.75 19.38
CA ILE B 219 11.55 -24.19 19.44
C ILE B 219 12.30 -24.75 20.64
N PHE B 220 11.55 -25.38 21.55
CA PHE B 220 12.00 -25.99 22.80
C PHE B 220 12.11 -27.50 22.66
N PRO B 221 13.31 -28.07 22.73
CA PRO B 221 13.45 -29.53 22.64
C PRO B 221 12.75 -30.21 23.80
N PRO B 222 12.23 -31.42 23.58
CA PRO B 222 11.54 -32.13 24.67
C PRO B 222 12.51 -32.49 25.79
N ILE B 223 11.98 -32.56 27.00
CA ILE B 223 12.80 -32.90 28.16
C ILE B 223 13.09 -34.40 28.16
N LYS B 224 14.34 -34.74 28.46
CA LYS B 224 14.76 -36.14 28.50
C LYS B 224 14.68 -36.69 29.92
N GLN C 1 -0.48 33.41 -20.16
CA GLN C 1 -0.18 33.83 -21.52
C GLN C 1 -0.86 32.94 -22.53
N LYS C 2 -0.31 32.88 -23.73
CA LYS C 2 -0.91 32.09 -24.79
C LYS C 2 0.16 31.65 -25.76
N VAL C 3 0.06 30.39 -26.20
CA VAL C 3 1.00 29.80 -27.17
C VAL C 3 0.17 29.18 -28.29
N THR C 4 0.57 29.43 -29.52
CA THR C 4 -0.15 28.99 -30.72
C THR C 4 0.73 28.09 -31.58
N GLN C 5 0.17 26.94 -31.96
CA GLN C 5 0.78 26.04 -32.94
C GLN C 5 -0.27 25.76 -34.01
N ALA C 6 -0.16 26.44 -35.15
CA ALA C 6 -1.15 26.38 -36.22
C ALA C 6 -1.26 25.02 -36.89
N GLN C 7 -0.14 24.37 -37.18
CA GLN C 7 -0.15 23.11 -37.89
C GLN C 7 -0.72 22.00 -37.01
N SER C 8 -1.12 20.90 -37.64
CA SER C 8 -1.56 19.72 -36.91
C SER C 8 -0.96 18.41 -37.42
N SER C 9 -0.37 18.39 -38.62
CA SER C 9 0.33 17.21 -39.11
C SER C 9 1.18 17.63 -40.30
N VAL C 10 2.36 17.04 -40.42
CA VAL C 10 3.21 17.20 -41.59
C VAL C 10 3.71 15.82 -42.01
N SER C 11 4.35 15.78 -43.18
CA SER C 11 4.88 14.53 -43.71
C SER C 11 6.09 14.84 -44.58
N MET C 12 7.25 14.31 -44.18
CA MET C 12 8.50 14.47 -44.90
C MET C 12 9.12 13.10 -45.07
N PRO C 13 9.89 12.88 -46.14
CA PRO C 13 10.63 11.63 -46.29
C PRO C 13 12.04 11.74 -45.72
N VAL C 14 12.76 10.62 -45.79
CA VAL C 14 13.98 10.45 -45.00
C VAL C 14 15.07 11.37 -45.51
N ARG C 15 16.00 11.72 -44.61
CA ARG C 15 17.18 12.54 -44.89
C ARG C 15 16.83 13.96 -45.28
N LYS C 16 15.59 14.39 -45.05
CA LYS C 16 15.16 15.73 -45.35
C LYS C 16 15.06 16.54 -44.06
N ALA C 17 14.70 17.82 -44.20
CA ALA C 17 14.57 18.72 -43.07
C ALA C 17 13.15 19.30 -43.03
N VAL C 18 12.67 19.56 -41.81
CA VAL C 18 11.34 20.10 -41.60
C VAL C 18 11.46 21.31 -40.67
N THR C 19 10.40 22.11 -40.61
CA THR C 19 10.36 23.27 -39.72
C THR C 19 8.95 23.44 -39.18
N LEU C 20 8.84 23.68 -37.86
CA LEU C 20 7.58 23.85 -37.18
C LEU C 20 7.49 25.25 -36.58
N ASN C 21 6.26 25.76 -36.48
CA ASN C 21 6.02 27.16 -36.15
C ASN C 21 5.27 27.29 -34.83
N CYS C 22 5.63 28.33 -34.07
CA CYS C 22 5.07 28.61 -32.75
C CYS C 22 5.01 30.12 -32.55
N LEU C 23 3.84 30.65 -32.22
CA LEU C 23 3.67 32.07 -31.95
C LEU C 23 3.12 32.26 -30.54
N TYR C 24 3.65 33.27 -29.84
CA TYR C 24 3.31 33.50 -28.45
C TYR C 24 3.09 34.99 -28.20
N GLU C 25 2.40 35.29 -27.11
CA GLU C 25 2.20 36.65 -26.62
C GLU C 25 2.43 36.66 -25.12
N THR C 26 3.23 37.62 -24.65
CA THR C 26 3.58 37.71 -23.23
C THR C 26 3.85 39.16 -22.85
N SER C 27 3.90 39.40 -21.53
CA SER C 27 4.10 40.75 -21.02
C SER C 27 5.24 40.83 -20.02
N TRP C 28 6.14 39.85 -20.00
CA TRP C 28 7.31 39.87 -19.13
C TRP C 28 8.46 40.53 -19.87
N TRP C 29 9.52 40.83 -19.14
CA TRP C 29 10.72 41.41 -19.73
C TRP C 29 11.75 40.35 -20.14
N SER C 30 11.84 39.26 -19.39
CA SER C 30 12.69 38.12 -19.75
C SER C 30 11.87 36.84 -19.59
N TYR C 31 12.20 35.85 -20.40
CA TYR C 31 11.47 34.58 -20.41
C TYR C 31 12.36 33.52 -21.01
N TYR C 32 11.87 32.28 -21.02
CA TYR C 32 12.58 31.17 -21.62
C TYR C 32 11.60 30.35 -22.45
N ILE C 33 12.12 29.72 -23.50
CA ILE C 33 11.32 28.88 -24.40
C ILE C 33 11.92 27.48 -24.39
N PHE C 34 11.06 26.47 -24.30
CA PHE C 34 11.45 25.06 -24.29
C PHE C 34 10.74 24.32 -25.43
N TRP C 35 11.44 23.38 -26.05
CA TRP C 35 10.85 22.47 -27.02
C TRP C 35 10.91 21.05 -26.46
N TYR C 36 9.79 20.35 -26.47
CA TYR C 36 9.66 19.01 -25.92
C TYR C 36 9.27 18.04 -27.03
N LYS C 37 9.03 16.78 -26.66
CA LYS C 37 8.82 15.71 -27.63
C LYS C 37 8.17 14.53 -26.93
N GLN C 38 7.10 14.00 -27.50
CA GLN C 38 6.33 12.94 -26.86
C GLN C 38 6.32 11.70 -27.74
N LEU C 39 6.70 10.57 -27.15
CA LEU C 39 6.69 9.29 -27.84
C LEU C 39 5.32 8.64 -27.75
N PRO C 40 5.04 7.66 -28.60
CA PRO C 40 3.73 6.97 -28.53
C PRO C 40 3.50 6.20 -27.24
N SER C 41 4.55 5.90 -26.46
CA SER C 41 4.40 5.35 -25.13
C SER C 41 4.28 6.42 -24.06
N LYS C 42 4.01 7.67 -24.45
CA LYS C 42 3.82 8.81 -23.56
C LYS C 42 5.07 9.09 -22.71
N GLU C 43 6.10 9.60 -23.37
CA GLU C 43 7.31 10.02 -22.69
C GLU C 43 7.67 11.42 -23.15
N MET C 44 7.99 12.31 -22.21
CA MET C 44 8.38 13.67 -22.52
C MET C 44 9.89 13.83 -22.38
N ILE C 45 10.54 14.32 -23.43
CA ILE C 45 12.00 14.41 -23.46
C ILE C 45 12.41 15.83 -23.83
N PHE C 46 13.19 16.45 -22.96
CA PHE C 46 13.69 17.80 -23.20
C PHE C 46 14.58 17.82 -24.44
N LEU C 47 14.36 18.79 -25.33
CA LEU C 47 15.16 18.92 -26.55
C LEU C 47 16.12 20.10 -26.51
N ILE C 48 15.63 21.32 -26.33
CA ILE C 48 16.47 22.51 -26.43
C ILE C 48 15.79 23.68 -25.74
N ARG C 49 16.59 24.69 -25.38
CA ARG C 49 16.17 25.91 -24.70
C ARG C 49 16.58 27.13 -25.51
N GLN C 50 15.73 28.16 -25.56
CA GLN C 50 16.08 29.35 -26.31
C GLN C 50 16.64 30.47 -25.44
N GLY C 51 15.81 31.05 -24.57
CA GLY C 51 16.25 32.16 -23.75
C GLY C 51 15.99 33.54 -24.32
N SER C 52 15.69 34.51 -23.45
CA SER C 52 15.26 35.83 -23.92
C SER C 52 16.39 36.57 -24.63
N ASP C 53 17.56 36.66 -23.99
CA ASP C 53 18.66 37.45 -24.51
C ASP C 53 19.75 36.59 -25.14
N GLU C 54 19.59 35.27 -25.15
CA GLU C 54 20.55 34.40 -25.79
C GLU C 54 20.42 34.50 -27.31
N GLN C 55 21.50 34.17 -28.00
CA GLN C 55 21.52 34.17 -29.46
C GLN C 55 20.78 32.92 -29.95
N ASN C 56 20.85 32.66 -31.26
CA ASN C 56 20.16 31.52 -31.83
C ASN C 56 20.76 30.22 -31.29
N ALA C 57 19.89 29.31 -30.87
CA ALA C 57 20.33 28.06 -30.27
C ALA C 57 20.79 27.07 -31.35
N LYS C 58 21.77 26.25 -30.99
CA LYS C 58 22.33 25.26 -31.91
C LYS C 58 22.90 24.12 -31.09
N SER C 59 22.18 23.00 -31.03
CA SER C 59 22.55 21.86 -30.18
C SER C 59 22.39 20.55 -30.95
N GLY C 60 23.43 20.16 -31.69
CA GLY C 60 23.41 18.94 -32.45
C GLY C 60 22.58 19.03 -33.71
N ARG C 61 21.49 18.25 -33.79
CA ARG C 61 20.59 18.27 -34.92
C ARG C 61 19.42 19.22 -34.74
N TYR C 62 19.38 19.99 -33.65
CA TYR C 62 18.30 20.92 -33.38
C TYR C 62 18.84 22.34 -33.35
N SER C 63 18.22 23.22 -34.14
CA SER C 63 18.58 24.62 -34.16
C SER C 63 17.30 25.45 -34.18
N VAL C 64 17.34 26.60 -33.53
CA VAL C 64 16.15 27.42 -33.27
C VAL C 64 16.36 28.79 -33.89
N ASN C 65 15.37 29.23 -34.68
CA ASN C 65 15.35 30.57 -35.25
C ASN C 65 14.39 31.42 -34.43
N PHE C 66 14.92 32.48 -33.83
CA PHE C 66 14.19 33.28 -32.86
C PHE C 66 13.82 34.64 -33.44
N LYS C 67 12.54 34.99 -33.35
CA LYS C 67 12.02 36.27 -33.85
C LYS C 67 11.49 37.07 -32.66
N LYS C 68 12.31 37.99 -32.17
CA LYS C 68 11.95 38.78 -31.00
C LYS C 68 10.87 39.82 -31.29
N ALA C 69 10.88 40.45 -32.47
CA ALA C 69 9.92 41.51 -32.77
C ALA C 69 8.52 40.95 -32.98
N ALA C 70 8.41 39.86 -33.75
CA ALA C 70 7.11 39.29 -34.09
C ALA C 70 6.65 38.22 -33.11
N LYS C 71 7.46 37.90 -32.09
CA LYS C 71 7.13 36.89 -31.08
C LYS C 71 6.91 35.53 -31.72
N SER C 72 7.92 35.09 -32.48
CA SER C 72 7.86 33.86 -33.24
C SER C 72 9.11 33.02 -33.00
N VAL C 73 8.94 31.71 -32.92
CA VAL C 73 10.05 30.77 -32.74
C VAL C 73 9.77 29.53 -33.58
N ALA C 74 10.82 29.04 -34.25
CA ALA C 74 10.69 27.89 -35.14
C ALA C 74 11.84 26.92 -34.91
N LEU C 75 11.54 25.63 -34.94
CA LEU C 75 12.52 24.58 -34.70
C LEU C 75 12.81 23.83 -35.99
N THR C 76 14.09 23.61 -36.28
CA THR C 76 14.53 22.92 -37.47
C THR C 76 15.25 21.63 -37.09
N ILE C 77 14.80 20.51 -37.66
CA ILE C 77 15.48 19.22 -37.54
C ILE C 77 16.18 18.94 -38.86
N SER C 78 17.49 18.71 -38.80
CA SER C 78 18.29 18.70 -40.03
C SER C 78 18.07 17.44 -40.86
N ALA C 79 18.50 16.29 -40.35
CA ALA C 79 18.46 15.04 -41.11
C ALA C 79 17.50 14.09 -40.42
N LEU C 80 16.37 13.82 -41.06
CA LEU C 80 15.34 13.01 -40.43
C LEU C 80 15.77 11.55 -40.39
N GLN C 81 15.12 10.79 -39.50
CA GLN C 81 15.31 9.36 -39.40
C GLN C 81 13.95 8.69 -39.27
N LEU C 82 13.91 7.38 -39.07
CA LEU C 82 12.65 6.69 -38.91
C LEU C 82 12.12 6.77 -37.49
N GLU C 83 12.94 7.20 -36.54
CA GLU C 83 12.55 7.32 -35.15
C GLU C 83 12.23 8.75 -34.74
N ASP C 84 12.10 9.66 -35.70
CA ASP C 84 11.77 11.04 -35.41
C ASP C 84 10.28 11.32 -35.47
N SER C 85 9.45 10.31 -35.67
CA SER C 85 8.01 10.52 -35.81
C SER C 85 7.39 10.65 -34.42
N ALA C 86 7.21 11.88 -33.97
CA ALA C 86 6.62 12.15 -32.67
C ALA C 86 6.02 13.55 -32.66
N LYS C 87 5.12 13.81 -31.71
CA LYS C 87 4.56 15.14 -31.53
C LYS C 87 5.59 16.04 -30.87
N TYR C 88 5.55 17.33 -31.21
CA TYR C 88 6.47 18.31 -30.68
C TYR C 88 5.67 19.43 -30.05
N PHE C 89 6.14 19.95 -28.91
CA PHE C 89 5.41 20.98 -28.18
C PHE C 89 6.27 22.21 -28.01
N CYS C 90 5.59 23.35 -27.87
CA CYS C 90 6.20 24.64 -27.60
C CYS C 90 5.74 25.08 -26.22
N ALA C 91 6.69 25.41 -25.33
CA ALA C 91 6.38 25.72 -23.94
C ALA C 91 6.98 27.06 -23.56
N LEU C 92 6.24 27.83 -22.76
CA LEU C 92 6.65 29.17 -22.37
C LEU C 92 6.94 29.19 -20.87
N GLY C 93 8.18 29.58 -20.52
CA GLY C 93 8.59 29.64 -19.14
C GLY C 93 8.20 30.96 -18.50
N ASP C 94 7.33 30.90 -17.48
CA ASP C 94 6.58 32.06 -17.02
C ASP C 94 6.85 32.33 -15.54
N PRO C 95 7.94 33.03 -15.21
CA PRO C 95 9.00 33.51 -16.10
C PRO C 95 10.15 32.52 -16.25
N GLY C 96 10.10 31.40 -15.54
CA GLY C 96 11.11 30.37 -15.65
C GLY C 96 12.50 30.73 -15.17
N GLY C 97 12.62 31.40 -14.02
CA GLY C 97 13.93 31.74 -13.47
C GLY C 97 14.09 31.31 -12.02
N LEU C 98 13.00 30.87 -11.41
CA LEU C 98 12.96 30.41 -10.03
C LEU C 98 12.63 28.92 -9.99
N ASN C 99 12.33 28.43 -8.79
CA ASN C 99 12.04 27.02 -8.56
C ASN C 99 10.55 26.75 -8.35
N THR C 100 9.69 27.71 -8.72
CA THR C 100 8.27 27.59 -8.42
C THR C 100 7.40 27.97 -9.61
N ASP C 101 8.00 28.36 -10.73
CA ASP C 101 7.25 28.79 -11.91
C ASP C 101 6.60 27.59 -12.59
N LYS C 102 5.82 27.84 -13.63
CA LYS C 102 5.20 26.75 -14.37
C LYS C 102 5.51 26.94 -15.84
N LEU C 103 4.87 26.12 -16.66
CA LEU C 103 5.02 26.15 -18.10
C LEU C 103 3.64 26.23 -18.74
N ILE C 104 3.56 26.97 -19.85
CA ILE C 104 2.37 27.07 -20.66
C ILE C 104 2.62 26.29 -21.95
N PHE C 105 1.73 25.36 -22.27
CA PHE C 105 1.91 24.43 -23.37
C PHE C 105 0.97 24.74 -24.52
N GLY C 106 1.48 24.57 -25.74
CA GLY C 106 0.68 24.62 -26.95
C GLY C 106 -0.14 23.36 -27.14
N LYS C 107 -0.42 23.02 -28.39
CA LYS C 107 -1.22 21.84 -28.69
C LYS C 107 -0.47 20.72 -29.39
N GLY C 108 0.67 21.01 -30.01
CA GLY C 108 1.47 19.95 -30.60
C GLY C 108 1.29 19.75 -32.09
N THR C 109 2.40 19.60 -32.80
CA THR C 109 2.41 19.37 -34.24
C THR C 109 3.02 18.00 -34.51
N ARG C 110 2.19 17.04 -34.89
CA ARG C 110 2.67 15.69 -35.17
C ARG C 110 3.39 15.61 -36.51
N VAL C 111 4.52 14.92 -36.56
CA VAL C 111 5.21 14.68 -37.81
C VAL C 111 5.27 13.18 -38.08
N THR C 112 5.42 12.84 -39.37
CA THR C 112 5.52 11.44 -39.80
C THR C 112 6.60 11.35 -40.87
N VAL C 113 7.40 10.29 -40.82
CA VAL C 113 8.51 10.11 -41.76
C VAL C 113 8.22 8.88 -42.61
N GLU C 114 8.30 9.04 -43.93
CA GLU C 114 8.01 8.01 -44.92
C GLU C 114 9.27 7.55 -45.63
N PRO C 115 9.31 6.31 -46.11
CA PRO C 115 10.55 5.76 -46.68
C PRO C 115 10.93 6.43 -48.00
N ARG C 116 12.20 6.28 -48.34
CA ARG C 116 12.76 6.84 -49.57
C ARG C 116 12.24 6.08 -50.80
N SER C 117 12.38 6.70 -51.96
CA SER C 117 11.88 6.12 -53.20
C SER C 117 12.76 4.97 -53.67
N GLN C 118 12.12 3.85 -53.99
CA GLN C 118 12.79 2.64 -54.44
C GLN C 118 12.03 2.05 -55.61
N PRO C 119 12.70 1.31 -56.50
CA PRO C 119 12.01 0.68 -57.63
C PRO C 119 11.04 -0.41 -57.17
N HIS C 120 10.13 -0.74 -58.08
CA HIS C 120 9.04 -1.66 -57.77
C HIS C 120 9.56 -3.03 -57.39
N THR C 121 8.76 -3.78 -56.64
CA THR C 121 9.06 -5.15 -56.27
C THR C 121 7.75 -5.92 -56.15
N LYS C 122 7.85 -7.23 -56.28
CA LYS C 122 6.73 -8.15 -56.35
C LYS C 122 6.45 -8.80 -55.01
N PRO C 123 5.21 -8.76 -54.54
CA PRO C 123 4.84 -9.46 -53.31
C PRO C 123 4.92 -10.97 -53.48
N SER C 124 5.19 -11.67 -52.40
CA SER C 124 5.10 -13.13 -52.34
C SER C 124 3.99 -13.47 -51.36
N VAL C 125 3.02 -14.25 -51.80
CA VAL C 125 1.78 -14.43 -51.05
C VAL C 125 1.77 -15.81 -50.41
N PHE C 126 1.63 -15.86 -49.09
CA PHE C 126 1.55 -17.09 -48.32
C PHE C 126 0.30 -17.02 -47.47
N VAL C 127 -0.19 -18.19 -47.06
CA VAL C 127 -1.33 -18.26 -46.17
C VAL C 127 -1.02 -19.20 -45.01
N MET C 128 -1.39 -18.75 -43.81
CA MET C 128 -1.29 -19.58 -42.62
C MET C 128 -2.67 -19.65 -42.02
N LYS C 129 -2.91 -20.62 -41.15
CA LYS C 129 -4.24 -20.73 -40.57
C LYS C 129 -4.17 -21.42 -39.21
N ASN C 130 -5.29 -21.34 -38.50
CA ASN C 130 -5.44 -21.98 -37.19
C ASN C 130 -6.92 -22.11 -36.92
N GLY C 131 -7.40 -23.33 -36.72
CA GLY C 131 -8.80 -23.54 -36.39
C GLY C 131 -9.73 -22.99 -37.45
N THR C 132 -10.35 -21.85 -37.16
CA THR C 132 -11.22 -21.15 -38.10
C THR C 132 -10.53 -19.97 -38.78
N ASN C 133 -9.99 -19.04 -38.00
CA ASN C 133 -9.47 -17.81 -38.57
C ASN C 133 -8.17 -18.05 -39.31
N VAL C 134 -8.10 -17.50 -40.51
CA VAL C 134 -6.97 -17.68 -41.41
C VAL C 134 -6.49 -16.31 -41.83
N ALA C 135 -5.19 -16.11 -41.83
CA ALA C 135 -4.59 -14.87 -42.31
C ALA C 135 -3.87 -15.14 -43.60
N CYS C 136 -3.59 -14.08 -44.36
CA CYS C 136 -2.70 -14.26 -45.50
C CYS C 136 -1.61 -13.21 -45.33
N LEU C 137 -0.36 -13.68 -45.35
CA LEU C 137 0.78 -12.81 -45.15
C LEU C 137 1.27 -12.40 -46.53
N VAL C 138 1.42 -11.11 -46.75
CA VAL C 138 1.92 -10.61 -48.03
C VAL C 138 3.32 -10.06 -47.79
N LYS C 139 4.29 -10.66 -48.44
CA LYS C 139 5.69 -10.36 -48.16
C LYS C 139 6.05 -9.04 -48.84
N GLU C 140 7.34 -8.74 -48.95
CA GLU C 140 7.78 -7.39 -49.27
C GLU C 140 7.25 -6.92 -50.63
N PHE C 141 6.76 -5.69 -50.67
CA PHE C 141 6.20 -5.12 -51.88
C PHE C 141 6.46 -3.63 -51.92
N TYR C 142 6.24 -3.05 -53.10
CA TYR C 142 6.49 -1.64 -53.37
C TYR C 142 5.78 -1.29 -54.67
N PRO C 143 5.06 -0.16 -54.74
CA PRO C 143 4.78 0.84 -53.70
C PRO C 143 3.68 0.39 -52.75
N LYS C 144 3.27 1.25 -51.81
CA LYS C 144 2.36 0.89 -50.73
C LYS C 144 0.99 0.45 -51.21
N ASP C 145 0.44 1.10 -52.24
CA ASP C 145 -0.91 0.84 -52.71
C ASP C 145 -1.03 -0.63 -53.14
N ILE C 146 -2.07 -1.30 -52.65
CA ILE C 146 -2.24 -2.73 -52.88
C ILE C 146 -3.67 -3.08 -52.52
N ARG C 147 -4.21 -4.13 -53.13
CA ARG C 147 -5.58 -4.55 -52.87
C ARG C 147 -5.60 -6.06 -52.70
N ILE C 148 -5.32 -6.50 -51.48
CA ILE C 148 -5.30 -7.93 -51.20
C ILE C 148 -6.69 -8.39 -50.81
N ASN C 149 -6.99 -9.66 -51.07
CA ASN C 149 -8.35 -10.16 -50.93
C ASN C 149 -8.29 -11.66 -50.68
N LEU C 150 -9.13 -12.13 -49.76
CA LEU C 150 -9.30 -13.53 -49.46
C LEU C 150 -10.62 -14.01 -50.07
N VAL C 151 -10.54 -14.99 -50.97
CA VAL C 151 -11.70 -15.47 -51.70
C VAL C 151 -12.13 -16.79 -51.09
N SER C 152 -13.40 -16.88 -50.72
CA SER C 152 -13.95 -18.09 -50.14
C SER C 152 -15.46 -18.09 -50.32
N SER C 153 -16.07 -19.26 -50.15
CA SER C 153 -17.52 -19.40 -50.28
C SER C 153 -18.28 -18.62 -49.22
N LYS C 154 -17.80 -18.64 -47.98
CA LYS C 154 -18.48 -18.02 -46.84
C LYS C 154 -17.48 -17.19 -46.08
N LYS C 155 -17.94 -16.09 -45.47
CA LYS C 155 -17.13 -15.34 -44.53
C LYS C 155 -17.98 -14.81 -43.38
N ILE C 156 -17.31 -14.50 -42.27
CA ILE C 156 -17.97 -14.04 -41.06
C ILE C 156 -17.48 -12.66 -40.68
N THR C 157 -16.16 -12.51 -40.55
CA THR C 157 -15.56 -11.24 -40.18
C THR C 157 -14.37 -10.99 -41.07
N GLU C 158 -13.96 -9.73 -41.18
CA GLU C 158 -12.83 -9.40 -42.03
C GLU C 158 -12.30 -8.04 -41.58
N PHE C 159 -11.00 -7.84 -41.70
CA PHE C 159 -10.33 -6.67 -41.15
C PHE C 159 -9.47 -6.01 -42.22
N ASP C 160 -9.03 -4.81 -41.93
CA ASP C 160 -8.23 -4.03 -42.87
C ASP C 160 -6.80 -4.55 -42.95
N PRO C 161 -6.04 -4.19 -43.98
CA PRO C 161 -4.62 -4.53 -44.00
C PRO C 161 -3.85 -3.80 -42.91
N ALA C 162 -2.67 -4.30 -42.62
CA ALA C 162 -1.79 -3.72 -41.63
C ALA C 162 -0.45 -3.35 -42.25
N ILE C 163 -0.48 -2.64 -43.38
CA ILE C 163 0.73 -2.29 -44.10
C ILE C 163 1.71 -1.59 -43.16
N VAL C 164 2.89 -2.17 -43.02
CA VAL C 164 3.89 -1.71 -42.06
C VAL C 164 5.25 -1.68 -42.75
N ILE C 165 6.02 -0.63 -42.49
CA ILE C 165 7.37 -0.53 -43.04
C ILE C 165 8.25 -1.62 -42.45
N SER C 166 9.06 -2.25 -43.29
CA SER C 166 9.99 -3.28 -42.91
C SER C 166 11.41 -2.71 -42.83
N PRO C 167 12.30 -3.32 -42.04
CA PRO C 167 13.67 -2.80 -41.93
C PRO C 167 14.44 -2.78 -43.23
N SER C 168 14.03 -3.62 -44.19
CA SER C 168 14.60 -3.59 -45.53
C SER C 168 14.32 -2.28 -46.25
N GLY C 169 13.11 -1.73 -46.11
CA GLY C 169 12.75 -0.48 -46.76
C GLY C 169 11.47 -0.60 -47.54
N LYS C 170 10.90 -1.80 -47.57
CA LYS C 170 9.73 -2.12 -48.38
C LYS C 170 8.68 -2.74 -47.49
N TYR C 171 7.43 -2.34 -47.68
CA TYR C 171 6.33 -2.66 -46.79
C TYR C 171 6.01 -4.14 -46.72
N ASN C 172 5.47 -4.59 -45.60
CA ASN C 172 4.83 -5.89 -45.48
C ASN C 172 3.38 -5.68 -45.11
N ALA C 173 2.57 -6.71 -45.25
CA ALA C 173 1.14 -6.58 -44.99
C ALA C 173 0.59 -7.87 -44.44
N VAL C 174 -0.47 -7.75 -43.64
CA VAL C 174 -1.18 -8.89 -43.09
C VAL C 174 -2.66 -8.57 -43.14
N LYS C 175 -3.47 -9.50 -43.65
CA LYS C 175 -4.92 -9.38 -43.59
C LYS C 175 -5.48 -10.61 -42.91
N LEU C 176 -6.48 -10.42 -42.07
CA LEU C 176 -7.03 -11.48 -41.25
C LEU C 176 -8.45 -11.80 -41.71
N GLY C 177 -9.12 -12.60 -40.92
CA GLY C 177 -10.52 -12.93 -41.15
C GLY C 177 -10.78 -14.36 -40.74
N LYS C 178 -12.05 -14.64 -40.48
CA LYS C 178 -12.48 -15.99 -40.11
C LYS C 178 -13.54 -16.49 -41.08
N TYR C 179 -13.41 -17.76 -41.47
CA TYR C 179 -14.23 -18.35 -42.53
C TYR C 179 -14.80 -19.69 -42.07
N GLU C 180 -16.03 -19.96 -42.52
CA GLU C 180 -16.72 -21.17 -42.09
C GLU C 180 -16.00 -22.42 -42.57
N ASP C 181 -15.48 -22.39 -43.80
CA ASP C 181 -14.69 -23.50 -44.34
C ASP C 181 -13.29 -22.98 -44.66
N SER C 182 -12.42 -23.05 -43.66
CA SER C 182 -11.06 -22.53 -43.78
C SER C 182 -10.12 -23.49 -44.49
N ASN C 183 -10.59 -24.68 -44.82
CA ASN C 183 -9.73 -25.68 -45.48
C ASN C 183 -9.26 -25.19 -46.85
N SER C 184 -10.14 -24.53 -47.59
CA SER C 184 -9.80 -24.08 -48.94
C SER C 184 -10.05 -22.58 -49.02
N VAL C 185 -9.10 -21.79 -48.55
CA VAL C 185 -9.14 -20.34 -48.61
C VAL C 185 -7.79 -19.87 -49.14
N THR C 186 -7.80 -19.02 -50.16
CA THR C 186 -6.55 -18.53 -50.72
C THR C 186 -6.60 -17.02 -50.86
N CYS C 187 -5.42 -16.41 -50.98
CA CYS C 187 -5.29 -14.96 -51.05
C CYS C 187 -4.94 -14.58 -52.48
N SER C 188 -5.69 -13.61 -53.01
CA SER C 188 -5.44 -13.05 -54.34
C SER C 188 -5.01 -11.60 -54.17
N VAL C 189 -3.90 -11.23 -54.80
CA VAL C 189 -3.29 -9.92 -54.60
C VAL C 189 -3.12 -9.24 -55.95
N GLN C 190 -3.61 -8.00 -56.07
CA GLN C 190 -3.47 -7.19 -57.25
C GLN C 190 -2.58 -6.00 -56.94
N HIS C 191 -1.35 -6.00 -57.47
CA HIS C 191 -0.36 -4.98 -57.18
C HIS C 191 0.39 -4.63 -58.45
N ASP C 192 0.57 -3.34 -58.71
CA ASP C 192 1.34 -2.84 -59.84
C ASP C 192 0.79 -3.35 -61.18
N ASN C 193 -0.54 -3.26 -61.32
CA ASN C 193 -1.30 -3.62 -62.51
C ASN C 193 -1.26 -5.12 -62.82
N LYS C 194 -0.76 -5.96 -61.93
CA LYS C 194 -0.70 -7.40 -62.18
C LYS C 194 -1.16 -8.15 -60.93
N THR C 195 -1.65 -9.37 -61.15
CA THR C 195 -2.24 -10.18 -60.10
C THR C 195 -1.31 -11.32 -59.74
N VAL C 196 -1.20 -11.61 -58.44
CA VAL C 196 -0.39 -12.70 -57.93
C VAL C 196 -1.26 -13.57 -57.04
N HIS C 197 -1.29 -14.86 -57.29
CA HIS C 197 -2.07 -15.77 -56.48
C HIS C 197 -1.18 -16.40 -55.41
N SER C 198 -1.79 -17.22 -54.55
CA SER C 198 -1.05 -17.97 -53.55
C SER C 198 -0.84 -19.42 -53.94
N THR C 199 -1.61 -19.93 -54.91
CA THR C 199 -1.47 -21.31 -55.33
C THR C 199 -0.29 -21.52 -56.28
N ASP C 200 0.26 -20.45 -56.86
CA ASP C 200 1.45 -20.61 -57.68
C ASP C 200 2.73 -20.56 -56.85
N PHE C 201 2.62 -20.46 -55.53
CA PHE C 201 3.78 -20.55 -54.66
C PHE C 201 3.85 -21.88 -53.93
N GLU C 202 2.92 -22.79 -54.16
CA GLU C 202 2.99 -24.13 -53.59
C GLU C 202 4.19 -24.88 -54.14
N GLY D 1 7.58 3.39 -20.20
CA GLY D 1 6.72 2.26 -19.84
C GLY D 1 5.44 2.70 -19.17
N THR D 2 4.53 3.25 -19.95
CA THR D 2 3.30 3.81 -19.43
C THR D 2 2.40 2.70 -18.89
N LYS D 3 1.77 2.97 -17.75
CA LYS D 3 0.84 2.07 -17.09
C LYS D 3 -0.58 2.55 -17.37
N SER D 4 -1.55 1.93 -16.70
CA SER D 4 -2.92 2.39 -16.81
C SER D 4 -3.66 2.05 -15.54
N VAL D 5 -4.64 2.87 -15.19
CA VAL D 5 -5.51 2.65 -14.03
C VAL D 5 -6.94 2.83 -14.50
N THR D 6 -7.81 1.87 -14.16
CA THR D 6 -9.20 1.87 -14.61
C THR D 6 -10.10 1.80 -13.40
N ARG D 7 -10.86 2.87 -13.14
CA ARG D 7 -11.78 2.93 -12.01
C ARG D 7 -13.15 3.41 -12.47
N PRO D 8 -14.20 3.09 -11.73
CA PRO D 8 -15.53 3.60 -12.06
C PRO D 8 -15.79 5.01 -11.54
N THR D 9 -17.01 5.51 -11.73
CA THR D 9 -17.40 6.80 -11.20
C THR D 9 -17.74 6.68 -9.72
N ARG D 10 -17.62 7.81 -9.01
CA ARG D 10 -17.83 7.87 -7.56
C ARG D 10 -16.86 6.97 -6.82
N SER D 11 -15.56 7.15 -7.08
CA SER D 11 -14.50 6.43 -6.38
C SER D 11 -13.21 7.22 -6.49
N SER D 12 -12.09 6.67 -6.06
CA SER D 12 -10.84 7.41 -5.96
C SER D 12 -9.71 6.65 -6.65
N ALA D 13 -8.64 7.37 -6.98
CA ALA D 13 -7.55 6.80 -7.73
C ALA D 13 -6.22 7.28 -7.19
N GLU D 14 -5.16 6.51 -7.44
CA GLU D 14 -3.80 6.86 -7.02
C GLU D 14 -2.90 6.84 -8.24
N ILE D 15 -2.06 7.87 -8.37
CA ILE D 15 -1.10 7.96 -9.45
C ILE D 15 0.28 8.04 -8.80
N THR D 16 1.15 7.10 -9.14
CA THR D 16 2.43 6.97 -8.47
C THR D 16 3.53 7.68 -9.25
N CYS D 17 4.35 8.43 -8.54
CA CYS D 17 5.46 9.13 -9.16
C CYS D 17 6.54 8.14 -9.58
N ASP D 18 7.48 8.58 -10.41
CA ASP D 18 8.54 7.70 -10.89
C ASP D 18 9.93 8.28 -10.79
N LEU D 19 10.10 9.55 -10.50
CA LEU D 19 11.42 10.15 -10.46
C LEU D 19 12.18 9.70 -9.21
N THR D 20 13.50 9.77 -9.30
CA THR D 20 14.38 9.49 -8.16
C THR D 20 15.27 10.70 -7.96
N VAL D 21 14.81 11.63 -7.12
CA VAL D 21 15.53 12.86 -6.82
C VAL D 21 15.62 12.98 -5.30
N ILE D 22 16.82 13.30 -4.81
CA ILE D 22 17.05 13.35 -3.37
C ILE D 22 17.09 14.77 -2.82
N ASN D 23 17.55 15.75 -3.59
CA ASN D 23 17.54 17.15 -3.16
C ASN D 23 16.38 17.85 -3.86
N ALA D 24 15.18 17.66 -3.33
CA ALA D 24 13.95 18.12 -3.98
C ALA D 24 13.19 19.05 -3.05
N PHE D 25 12.82 20.22 -3.57
CA PHE D 25 12.06 21.19 -2.82
C PHE D 25 10.59 21.28 -3.21
N TYR D 26 10.26 21.18 -4.50
CA TYR D 26 8.89 21.29 -4.96
C TYR D 26 8.57 20.19 -5.97
N ILE D 27 7.32 19.74 -5.97
CA ILE D 27 6.87 18.62 -6.81
C ILE D 27 5.59 19.04 -7.52
N HIS D 28 5.67 19.21 -8.84
CA HIS D 28 4.54 19.71 -9.65
C HIS D 28 3.82 18.57 -10.38
N TRP D 29 2.53 18.74 -10.63
CA TRP D 29 1.72 17.74 -11.33
C TRP D 29 1.05 18.35 -12.56
N TYR D 30 0.86 17.56 -13.62
CA TYR D 30 0.30 17.99 -14.90
C TYR D 30 -0.80 17.03 -15.37
N LEU D 31 -1.57 17.47 -16.35
CA LEU D 31 -2.63 16.65 -16.96
C LEU D 31 -2.66 16.90 -18.45
N HIS D 32 -2.79 15.84 -19.24
CA HIS D 32 -2.85 15.92 -20.70
C HIS D 32 -4.15 15.30 -21.16
N GLN D 33 -5.09 16.11 -21.61
CA GLN D 33 -6.34 15.59 -22.08
C GLN D 33 -6.37 15.55 -23.61
N GLU D 34 -7.37 14.86 -24.15
CA GLU D 34 -7.38 14.44 -25.54
C GLU D 34 -7.70 15.61 -26.48
N GLY D 35 -6.73 16.00 -27.29
CA GLY D 35 -6.89 17.10 -28.21
C GLY D 35 -6.57 18.46 -27.63
N LYS D 36 -6.48 18.58 -26.31
CA LYS D 36 -6.20 19.84 -25.63
C LYS D 36 -4.71 19.95 -25.34
N ALA D 37 -4.33 20.85 -24.45
CA ALA D 37 -2.96 21.07 -24.03
C ALA D 37 -2.68 20.46 -22.66
N PRO D 38 -1.40 20.23 -22.33
CA PRO D 38 -1.04 19.89 -20.94
C PRO D 38 -1.03 21.12 -20.05
N GLN D 39 -1.67 21.01 -18.88
CA GLN D 39 -1.82 22.13 -17.96
C GLN D 39 -1.53 21.69 -16.53
N ARG D 40 -0.80 22.52 -15.79
CA ARG D 40 -0.46 22.22 -14.41
C ARG D 40 -1.67 22.34 -13.51
N LEU D 41 -1.82 21.39 -12.60
CA LEU D 41 -2.94 21.34 -11.66
C LEU D 41 -2.61 21.91 -10.29
N LEU D 42 -1.40 21.70 -9.79
CA LEU D 42 -1.04 22.07 -8.42
C LEU D 42 0.46 21.86 -8.27
N TYR D 43 0.96 22.09 -7.06
CA TYR D 43 2.33 21.72 -6.71
C TYR D 43 2.43 21.58 -5.19
N TYR D 44 3.61 21.19 -4.72
CA TYR D 44 3.81 20.71 -3.35
C TYR D 44 5.08 21.32 -2.78
N ASP D 45 5.03 21.73 -1.51
CA ASP D 45 6.21 22.24 -0.82
C ASP D 45 6.75 21.16 0.11
N VAL D 46 7.99 20.77 -0.11
CA VAL D 46 8.55 19.61 0.59
C VAL D 46 8.74 19.90 2.07
N SER D 47 9.36 21.03 2.40
CA SER D 47 9.70 21.33 3.78
C SER D 47 8.47 21.63 4.63
N ASN D 48 7.59 22.50 4.16
CA ASN D 48 6.43 22.88 4.96
C ASN D 48 5.27 21.93 4.83
N SER D 49 5.29 21.04 3.82
CA SER D 49 4.26 20.03 3.59
C SER D 49 2.90 20.66 3.30
N LYS D 50 2.82 21.42 2.21
CA LYS D 50 1.60 22.12 1.86
C LYS D 50 1.32 22.05 0.36
N ASP D 51 0.04 21.84 0.03
CA ASP D 51 -0.45 21.86 -1.34
C ASP D 51 -0.89 23.27 -1.72
N VAL D 52 -0.64 23.65 -2.98
CA VAL D 52 -1.02 24.95 -3.51
C VAL D 52 -1.82 24.72 -4.77
N LEU D 53 -3.15 24.73 -4.66
CA LEU D 53 -4.02 24.41 -5.78
C LEU D 53 -3.99 25.51 -6.84
N GLU D 54 -4.91 25.43 -7.79
CA GLU D 54 -5.08 26.44 -8.83
C GLU D 54 -6.49 27.02 -8.78
N SER D 55 -6.66 28.15 -9.46
CA SER D 55 -7.91 28.90 -9.42
C SER D 55 -9.03 28.12 -10.09
N GLY D 56 -10.19 28.10 -9.45
CA GLY D 56 -11.34 27.35 -9.91
C GLY D 56 -11.36 25.90 -9.49
N LEU D 57 -10.31 25.44 -8.81
CA LEU D 57 -10.21 24.06 -8.37
C LEU D 57 -10.70 23.95 -6.93
N SER D 58 -11.69 23.11 -6.71
CA SER D 58 -12.26 23.05 -5.37
C SER D 58 -11.27 22.44 -4.38
N PRO D 59 -11.22 22.93 -3.15
CA PRO D 59 -10.42 22.24 -2.12
C PRO D 59 -11.06 20.90 -1.75
N GLY D 60 -10.22 19.99 -1.27
CA GLY D 60 -10.67 18.64 -1.02
C GLY D 60 -10.79 17.77 -2.24
N LYS D 61 -9.96 17.99 -3.25
CA LYS D 61 -9.98 17.22 -4.49
C LYS D 61 -8.68 16.52 -4.80
N TYR D 62 -7.53 17.13 -4.52
CA TYR D 62 -6.22 16.52 -4.77
C TYR D 62 -5.39 16.52 -3.50
N TYR D 63 -4.96 15.34 -3.07
CA TYR D 63 -4.13 15.20 -1.87
C TYR D 63 -2.83 14.49 -2.24
N THR D 64 -1.71 15.12 -1.93
CA THR D 64 -0.39 14.51 -2.16
C THR D 64 0.10 13.80 -0.90
N HIS D 65 0.36 12.50 -1.03
CA HIS D 65 0.72 11.62 0.06
C HIS D 65 2.17 11.19 -0.09
N THR D 66 2.90 11.14 1.01
CA THR D 66 4.29 10.65 1.00
C THR D 66 4.41 9.49 1.98
N PRO D 67 4.53 8.25 1.51
CA PRO D 67 4.55 7.11 2.44
C PRO D 67 5.92 6.82 3.03
N ARG D 68 6.99 7.36 2.43
CA ARG D 68 8.33 7.21 2.98
C ARG D 68 9.19 8.34 2.41
N ARG D 69 10.47 8.36 2.76
CA ARG D 69 11.33 9.44 2.31
C ARG D 69 11.56 9.35 0.81
N TRP D 70 11.42 10.49 0.12
CA TRP D 70 11.55 10.60 -1.33
C TRP D 70 10.61 9.64 -2.07
N SER D 71 9.33 9.69 -1.70
CA SER D 71 8.33 8.86 -2.36
C SER D 71 6.99 9.56 -2.29
N TRP D 72 6.38 9.84 -3.45
CA TRP D 72 5.21 10.70 -3.54
C TRP D 72 4.10 10.05 -4.36
N ILE D 73 2.85 10.36 -4.00
CA ILE D 73 1.66 9.81 -4.64
C ILE D 73 0.60 10.91 -4.72
N LEU D 74 -0.22 10.89 -5.77
CA LEU D 74 -1.35 11.80 -5.89
C LEU D 74 -2.64 11.02 -5.78
N ILE D 75 -3.52 11.45 -4.87
CA ILE D 75 -4.80 10.80 -4.64
C ILE D 75 -5.91 11.74 -5.09
N LEU D 76 -6.85 11.22 -5.87
CA LEU D 76 -7.92 11.99 -6.49
C LEU D 76 -9.26 11.49 -5.99
N ARG D 77 -10.15 12.43 -5.69
CA ARG D 77 -11.42 12.14 -5.02
C ARG D 77 -12.59 12.40 -5.95
N ASN D 78 -13.62 11.55 -5.86
CA ASN D 78 -14.90 11.75 -6.56
C ASN D 78 -14.69 11.85 -8.08
N LEU D 79 -14.36 10.69 -8.66
CA LEU D 79 -14.02 10.63 -10.07
C LEU D 79 -15.25 10.84 -10.95
N ILE D 80 -15.11 11.70 -11.95
CA ILE D 80 -16.12 11.92 -12.99
C ILE D 80 -15.49 11.67 -14.36
N GLU D 81 -16.32 11.50 -15.39
CA GLU D 81 -15.83 11.10 -16.70
C GLU D 81 -14.84 12.10 -17.29
N ASN D 82 -14.89 13.35 -16.85
CA ASN D 82 -13.98 14.38 -17.33
C ASN D 82 -12.60 14.30 -16.69
N ASP D 83 -12.33 13.27 -15.89
CA ASP D 83 -11.05 13.17 -15.20
C ASP D 83 -9.98 12.42 -15.99
N SER D 84 -10.35 11.78 -17.10
CA SER D 84 -9.48 10.85 -17.81
C SER D 84 -8.44 11.55 -18.66
N GLY D 85 -7.27 10.95 -18.77
CA GLY D 85 -6.14 11.61 -19.41
C GLY D 85 -4.85 10.96 -18.96
N VAL D 86 -3.76 11.70 -19.11
CA VAL D 86 -2.43 11.27 -18.72
C VAL D 86 -1.89 12.26 -17.68
N TYR D 87 -1.39 11.75 -16.57
CA TYR D 87 -0.85 12.56 -15.48
C TYR D 87 0.67 12.41 -15.39
N TYR D 88 1.35 13.49 -15.04
CA TYR D 88 2.82 13.51 -14.98
C TYR D 88 3.30 14.02 -13.63
N CYS D 89 4.62 13.88 -13.40
CA CYS D 89 5.35 14.42 -12.27
C CYS D 89 6.48 15.28 -12.83
N ALA D 90 6.89 16.31 -12.10
CA ALA D 90 7.96 17.15 -12.61
C ALA D 90 8.65 17.90 -11.49
N THR D 91 9.95 18.14 -11.65
CA THR D 91 10.70 18.98 -10.73
C THR D 91 11.74 19.75 -11.53
N TRP D 92 12.13 20.91 -11.01
CA TRP D 92 13.14 21.76 -11.64
C TRP D 92 14.51 21.29 -11.19
N ASP D 93 15.31 20.80 -12.11
CA ASP D 93 16.65 20.32 -11.79
C ASP D 93 17.59 20.56 -12.96
N ARG D 94 18.88 20.62 -12.64
CA ARG D 94 19.90 21.16 -13.55
C ARG D 94 21.15 20.26 -13.59
N GLY D 95 20.98 18.97 -13.90
CA GLY D 95 19.84 18.26 -14.45
C GLY D 95 20.25 16.87 -14.86
N ASN D 96 19.42 16.21 -15.67
CA ASN D 96 19.69 14.85 -16.13
C ASN D 96 20.98 14.76 -16.97
N PRO D 97 21.17 15.62 -17.99
CA PRO D 97 22.39 15.50 -18.80
C PRO D 97 23.59 16.24 -18.22
N LYS D 98 23.57 16.59 -16.94
CA LYS D 98 24.63 17.37 -16.31
C LYS D 98 24.77 18.74 -16.98
N THR D 99 23.66 19.48 -16.95
CA THR D 99 23.58 20.80 -17.56
C THR D 99 23.80 21.87 -16.49
N HIS D 100 23.74 23.13 -16.91
CA HIS D 100 23.82 24.25 -15.98
C HIS D 100 22.52 25.05 -15.90
N TYR D 101 21.60 24.83 -16.82
CA TYR D 101 20.36 25.59 -16.88
C TYR D 101 19.21 24.81 -16.27
N TYR D 102 18.52 25.46 -15.33
CA TYR D 102 17.39 24.83 -14.65
C TYR D 102 16.33 24.52 -15.69
N LYS D 103 16.04 23.23 -15.87
CA LYS D 103 15.04 22.78 -16.81
C LYS D 103 14.22 21.66 -16.18
N LYS D 104 12.92 21.77 -16.32
CA LYS D 104 12.01 20.85 -15.65
C LYS D 104 12.13 19.46 -16.28
N LEU D 105 12.08 18.43 -15.43
CA LEU D 105 12.14 17.04 -15.85
C LEU D 105 10.83 16.36 -15.59
N PHE D 106 10.37 15.56 -16.55
CA PHE D 106 9.07 14.93 -16.42
C PHE D 106 9.21 13.44 -16.10
N GLY D 107 8.15 12.87 -15.55
CA GLY D 107 8.13 11.48 -15.17
C GLY D 107 7.81 10.56 -16.33
N SER D 108 6.87 9.65 -16.14
CA SER D 108 6.55 8.66 -17.17
C SER D 108 5.14 8.76 -17.73
N GLY D 109 4.17 9.21 -16.97
CA GLY D 109 2.83 9.29 -17.52
C GLY D 109 2.02 8.05 -17.20
N THR D 110 0.78 8.26 -16.81
CA THR D 110 -0.11 7.19 -16.41
C THR D 110 -1.51 7.49 -16.93
N THR D 111 -2.05 6.57 -17.69
CA THR D 111 -3.36 6.75 -18.30
C THR D 111 -4.42 6.29 -17.32
N LEU D 112 -5.44 7.11 -17.12
CA LEU D 112 -6.56 6.77 -16.27
C LEU D 112 -7.83 6.78 -17.11
N VAL D 113 -8.61 5.71 -17.02
CA VAL D 113 -9.89 5.67 -17.73
C VAL D 113 -10.98 5.49 -16.69
N VAL D 114 -12.08 6.21 -16.87
CA VAL D 114 -13.22 6.16 -15.97
C VAL D 114 -14.38 5.53 -16.73
N THR D 115 -14.97 4.50 -16.15
CA THR D 115 -15.94 3.66 -16.83
C THR D 115 -17.31 3.82 -16.20
N ASP D 116 -18.29 3.17 -16.82
CA ASP D 116 -19.62 3.05 -16.22
C ASP D 116 -20.25 1.68 -16.46
N LYS D 117 -19.74 0.89 -17.39
CA LYS D 117 -20.43 -0.32 -17.84
C LYS D 117 -20.16 -1.50 -16.92
N GLN D 118 -18.89 -1.90 -16.77
CA GLN D 118 -18.51 -3.08 -16.01
C GLN D 118 -19.24 -4.33 -16.50
N LEU D 119 -19.09 -4.60 -17.80
CA LEU D 119 -19.82 -5.70 -18.42
C LEU D 119 -19.14 -7.05 -18.17
N ASP D 120 -17.91 -7.20 -18.65
CA ASP D 120 -17.24 -8.49 -18.65
C ASP D 120 -16.32 -8.63 -17.44
N ALA D 121 -15.87 -9.86 -17.21
CA ALA D 121 -14.95 -10.16 -16.12
C ALA D 121 -13.58 -10.59 -16.67
N ASP D 122 -13.58 -11.52 -17.62
CA ASP D 122 -12.35 -11.99 -18.25
C ASP D 122 -11.95 -10.97 -19.31
N VAL D 123 -11.07 -10.05 -18.95
CA VAL D 123 -10.74 -8.95 -19.85
C VAL D 123 -9.22 -8.92 -20.08
N SER D 124 -8.60 -10.07 -20.04
CA SER D 124 -7.18 -10.19 -20.28
C SER D 124 -6.91 -10.65 -21.71
N PRO D 125 -5.77 -10.28 -22.28
CA PRO D 125 -5.47 -10.69 -23.66
C PRO D 125 -5.34 -12.20 -23.78
N LYS D 126 -6.28 -12.83 -24.52
CA LYS D 126 -6.33 -14.26 -24.82
C LYS D 126 -5.46 -14.59 -26.04
N PRO D 127 -4.60 -15.61 -25.97
CA PRO D 127 -3.68 -15.87 -27.08
C PRO D 127 -4.22 -16.89 -28.06
N THR D 128 -3.67 -16.84 -29.28
CA THR D 128 -3.97 -17.80 -30.33
C THR D 128 -2.75 -17.90 -31.23
N ILE D 129 -2.35 -19.13 -31.56
CA ILE D 129 -1.04 -19.42 -32.12
C ILE D 129 -1.17 -19.76 -33.61
N PHE D 130 -0.29 -19.18 -34.42
CA PHE D 130 -0.28 -19.42 -35.87
C PHE D 130 1.06 -20.05 -36.24
N LEU D 131 1.01 -21.30 -36.71
CA LEU D 131 2.22 -21.97 -37.17
C LEU D 131 2.42 -21.73 -38.67
N PRO D 132 3.65 -21.51 -39.12
CA PRO D 132 3.86 -21.16 -40.53
C PRO D 132 3.49 -22.30 -41.47
N SER D 133 3.05 -21.90 -42.67
CA SER D 133 2.67 -22.86 -43.69
C SER D 133 3.89 -23.66 -44.16
N ILE D 134 3.67 -24.92 -44.53
CA ILE D 134 4.78 -25.78 -44.94
C ILE D 134 5.44 -25.27 -46.21
N ALA D 135 4.69 -24.59 -47.09
CA ALA D 135 5.29 -24.06 -48.31
C ALA D 135 6.33 -22.99 -48.01
N GLU D 136 6.06 -22.12 -47.05
CA GLU D 136 6.92 -20.95 -46.85
C GLU D 136 8.33 -21.35 -46.49
N THR D 137 8.49 -22.33 -45.61
CA THR D 137 9.81 -22.75 -45.16
C THR D 137 10.68 -23.32 -46.27
N LYS D 138 10.11 -24.12 -47.18
CA LYS D 138 10.94 -24.85 -48.14
C LYS D 138 11.53 -23.94 -49.20
N LEU D 139 10.75 -23.04 -49.77
CA LEU D 139 11.29 -22.22 -50.86
C LEU D 139 12.28 -21.20 -50.35
N GLN D 140 11.97 -20.54 -49.24
CA GLN D 140 12.73 -19.35 -48.84
C GLN D 140 13.65 -19.58 -47.66
N LYS D 141 13.64 -20.75 -47.04
CA LYS D 141 14.57 -21.11 -45.96
C LYS D 141 14.49 -20.10 -44.82
N ALA D 142 13.26 -19.68 -44.51
CA ALA D 142 13.01 -18.77 -43.41
C ALA D 142 11.60 -19.05 -42.91
N GLY D 143 11.33 -18.62 -41.69
CA GLY D 143 10.03 -18.79 -41.07
C GLY D 143 9.52 -17.46 -40.56
N THR D 144 8.24 -17.21 -40.75
CA THR D 144 7.57 -16.04 -40.20
C THR D 144 6.26 -16.49 -39.58
N TYR D 145 6.02 -16.07 -38.35
CA TYR D 145 4.93 -16.62 -37.56
C TYR D 145 4.39 -15.60 -36.56
N LEU D 146 3.15 -15.81 -36.17
CA LEU D 146 2.22 -14.76 -35.78
C LEU D 146 1.62 -14.99 -34.40
N CYS D 147 1.43 -13.91 -33.67
CA CYS D 147 0.73 -13.94 -32.38
C CYS D 147 -0.48 -13.03 -32.46
N LEU D 148 -1.62 -13.51 -31.98
CA LEU D 148 -2.88 -12.77 -32.02
C LEU D 148 -3.47 -12.69 -30.63
N LEU D 149 -3.72 -11.47 -30.16
CA LEU D 149 -4.30 -11.22 -28.85
C LEU D 149 -5.61 -10.50 -29.06
N GLU D 150 -6.58 -10.76 -28.19
CA GLU D 150 -7.90 -10.18 -28.40
C GLU D 150 -8.69 -10.13 -27.11
N LYS D 151 -9.77 -9.33 -27.16
CA LYS D 151 -10.73 -9.19 -26.06
C LYS D 151 -10.09 -8.65 -24.78
N PHE D 152 -9.49 -7.46 -24.88
CA PHE D 152 -8.94 -6.79 -23.71
C PHE D 152 -9.37 -5.33 -23.64
N PHE D 153 -9.60 -4.85 -22.41
CA PHE D 153 -10.16 -3.55 -22.09
C PHE D 153 -9.51 -3.18 -20.76
N PRO D 154 -8.74 -2.08 -20.67
CA PRO D 154 -8.49 -1.02 -21.66
C PRO D 154 -7.58 -1.40 -22.83
N ASP D 155 -7.04 -0.41 -23.54
CA ASP D 155 -6.35 -0.62 -24.79
C ASP D 155 -4.86 -0.35 -24.70
N VAL D 156 -4.31 -0.28 -23.49
CA VAL D 156 -2.88 -0.11 -23.28
C VAL D 156 -2.25 -1.48 -23.14
N ILE D 157 -1.18 -1.75 -23.89
CA ILE D 157 -0.61 -3.09 -23.97
C ILE D 157 0.79 -3.01 -24.56
N LYS D 158 1.60 -4.03 -24.29
CA LYS D 158 2.96 -4.17 -24.80
C LYS D 158 3.21 -5.59 -25.27
N ILE D 159 4.24 -5.76 -26.10
CA ILE D 159 4.56 -7.05 -26.71
C ILE D 159 6.06 -7.15 -26.98
N HIS D 160 6.66 -8.26 -26.56
CA HIS D 160 8.06 -8.55 -26.81
C HIS D 160 8.21 -9.99 -27.29
N TRP D 161 9.27 -10.25 -28.03
CA TRP D 161 9.59 -11.60 -28.49
C TRP D 161 10.95 -12.00 -27.94
N GLN D 162 11.02 -13.17 -27.31
CA GLN D 162 12.25 -13.72 -26.73
C GLN D 162 12.56 -15.08 -27.34
N GLU D 163 13.83 -15.50 -27.17
CA GLU D 163 14.29 -16.78 -27.71
C GLU D 163 14.72 -17.73 -26.59
N LYS D 164 14.31 -17.46 -25.36
CA LYS D 164 14.34 -18.44 -24.27
C LYS D 164 15.74 -18.76 -23.77
N LYS D 165 16.76 -18.26 -24.45
CA LYS D 165 18.15 -18.52 -24.07
C LYS D 165 18.90 -17.25 -23.72
N SER D 166 18.69 -16.18 -24.49
CA SER D 166 19.31 -14.89 -24.23
C SER D 166 18.27 -13.91 -23.69
N ASN D 167 18.76 -12.94 -22.94
CA ASN D 167 17.92 -11.85 -22.46
C ASN D 167 18.04 -10.65 -23.39
N THR D 168 17.76 -10.90 -24.67
CA THR D 168 17.77 -9.90 -25.71
C THR D 168 16.40 -9.88 -26.38
N ILE D 169 15.89 -8.68 -26.66
CA ILE D 169 14.57 -8.52 -27.24
C ILE D 169 14.70 -8.53 -28.77
N LEU D 170 13.92 -9.39 -29.41
CA LEU D 170 13.97 -9.52 -30.86
C LEU D 170 13.15 -8.41 -31.53
N GLY D 171 13.49 -8.13 -32.80
CA GLY D 171 12.82 -7.09 -33.55
C GLY D 171 11.65 -7.59 -34.37
N SER D 172 10.43 -7.46 -33.85
CA SER D 172 9.24 -7.97 -34.50
C SER D 172 8.47 -6.81 -35.13
N GLN D 173 7.32 -7.11 -35.70
CA GLN D 173 6.48 -6.11 -36.35
C GLN D 173 5.09 -6.12 -35.75
N GLU D 174 4.45 -4.97 -35.82
CA GLU D 174 3.33 -4.62 -34.97
C GLU D 174 2.18 -4.07 -35.82
N GLY D 175 0.97 -4.49 -35.48
CA GLY D 175 -0.22 -4.00 -36.15
C GLY D 175 -0.80 -2.75 -35.51
N ASN D 176 -2.13 -2.69 -35.38
CA ASN D 176 -2.80 -1.55 -34.77
C ASN D 176 -3.97 -2.08 -33.95
N THR D 177 -4.38 -1.34 -32.93
CA THR D 177 -5.48 -1.77 -32.10
C THR D 177 -6.80 -1.37 -32.77
N MET D 178 -7.71 -2.33 -32.89
CA MET D 178 -8.97 -2.13 -33.59
C MET D 178 -10.10 -2.43 -32.62
N LYS D 179 -11.08 -1.53 -32.56
CA LYS D 179 -12.18 -1.69 -31.62
C LYS D 179 -13.17 -2.72 -32.15
N THR D 180 -13.52 -3.69 -31.31
CA THR D 180 -14.41 -4.79 -31.70
C THR D 180 -15.52 -4.91 -30.66
N ASN D 181 -16.56 -4.09 -30.78
CA ASN D 181 -17.75 -4.18 -29.93
C ASN D 181 -17.37 -4.06 -28.46
N ASP D 182 -16.92 -2.85 -28.09
CA ASP D 182 -16.48 -2.45 -26.76
C ASP D 182 -15.32 -3.28 -26.22
N THR D 183 -14.48 -3.82 -27.09
CA THR D 183 -13.22 -4.44 -26.68
C THR D 183 -12.14 -4.00 -27.65
N TYR D 184 -10.99 -4.65 -27.59
CA TYR D 184 -9.86 -4.28 -28.42
C TYR D 184 -9.13 -5.55 -28.83
N MET D 185 -8.34 -5.46 -29.90
CA MET D 185 -7.64 -6.64 -30.39
C MET D 185 -6.38 -6.19 -31.10
N LYS D 186 -5.45 -7.13 -31.24
CA LYS D 186 -4.10 -6.77 -31.63
C LYS D 186 -3.32 -8.02 -31.98
N PHE D 187 -2.45 -7.90 -32.98
CA PHE D 187 -1.59 -9.00 -33.39
C PHE D 187 -0.20 -8.48 -33.73
N SER D 188 0.77 -9.40 -33.69
CA SER D 188 2.15 -9.12 -34.04
C SER D 188 2.75 -10.34 -34.73
N TRP D 189 3.83 -10.12 -35.46
CA TRP D 189 4.49 -11.19 -36.18
C TRP D 189 6.00 -10.98 -36.17
N LEU D 190 6.73 -12.09 -36.25
CA LEU D 190 8.17 -12.10 -36.23
C LEU D 190 8.69 -13.05 -37.31
N THR D 191 9.79 -12.67 -37.95
CA THR D 191 10.45 -13.54 -38.91
C THR D 191 11.61 -14.25 -38.23
N VAL D 192 11.85 -15.50 -38.63
CA VAL D 192 12.81 -16.37 -37.97
C VAL D 192 13.71 -16.98 -39.05
N PRO D 193 15.02 -16.73 -39.01
CA PRO D 193 15.92 -17.36 -39.99
C PRO D 193 16.05 -18.87 -39.75
N GLU D 194 16.45 -19.62 -40.78
CA GLU D 194 16.45 -21.07 -40.68
C GLU D 194 17.38 -21.59 -39.59
N GLU D 195 18.47 -20.86 -39.32
CA GLU D 195 19.43 -21.31 -38.32
C GLU D 195 18.84 -21.40 -36.93
N SER D 196 17.68 -20.79 -36.70
CA SER D 196 17.02 -20.82 -35.39
C SER D 196 15.66 -21.48 -35.51
N LEU D 197 15.44 -22.25 -36.57
CA LEU D 197 14.20 -23.01 -36.69
C LEU D 197 14.06 -24.09 -35.63
N ASP D 198 15.17 -24.61 -35.13
CA ASP D 198 15.19 -25.60 -34.06
C ASP D 198 15.00 -24.98 -32.68
N LYS D 199 15.29 -23.68 -32.54
CA LYS D 199 15.30 -23.00 -31.25
C LYS D 199 13.87 -22.78 -30.78
N GLU D 200 13.73 -22.35 -29.52
CA GLU D 200 12.42 -22.01 -29.00
C GLU D 200 12.32 -20.50 -28.82
N HIS D 201 11.09 -19.99 -28.91
CA HIS D 201 10.83 -18.56 -28.91
C HIS D 201 9.63 -18.24 -28.03
N ARG D 202 9.63 -17.04 -27.44
CA ARG D 202 8.58 -16.57 -26.56
C ARG D 202 8.01 -15.24 -27.03
N CYS D 203 6.80 -14.95 -26.57
CA CYS D 203 6.16 -13.65 -26.76
C CYS D 203 5.53 -13.27 -25.42
N ILE D 204 5.86 -12.09 -24.90
CA ILE D 204 5.41 -11.66 -23.57
C ILE D 204 4.59 -10.38 -23.68
N VAL D 205 3.49 -10.31 -22.92
CA VAL D 205 2.58 -9.18 -22.97
C VAL D 205 2.41 -8.58 -21.57
N ARG D 206 2.47 -7.25 -21.51
CA ARG D 206 2.31 -6.48 -20.28
C ARG D 206 0.98 -5.74 -20.33
N HIS D 207 -0.01 -6.23 -19.59
CA HIS D 207 -1.34 -5.64 -19.58
C HIS D 207 -1.82 -5.56 -18.14
N GLU D 208 -2.64 -4.55 -17.87
CA GLU D 208 -3.05 -4.27 -16.49
C GLU D 208 -3.88 -5.41 -15.92
N ASN D 209 -4.81 -5.97 -16.68
CA ASN D 209 -5.62 -7.06 -16.15
C ASN D 209 -5.06 -8.43 -16.51
N ASN D 210 -3.75 -8.61 -16.38
CA ASN D 210 -3.18 -9.94 -16.45
C ASN D 210 -3.51 -10.68 -15.16
N LYS D 211 -3.52 -12.01 -15.23
CA LYS D 211 -3.82 -12.80 -14.05
C LYS D 211 -2.69 -12.69 -13.04
N ASN D 212 -3.06 -12.34 -11.80
CA ASN D 212 -2.14 -12.10 -10.69
C ASN D 212 -1.18 -10.95 -10.96
N GLY D 213 -1.40 -10.16 -12.00
CA GLY D 213 -0.57 -8.99 -12.25
C GLY D 213 0.84 -9.27 -12.73
N VAL D 214 1.06 -10.38 -13.41
CA VAL D 214 2.39 -10.74 -13.91
C VAL D 214 2.31 -10.89 -15.42
N ASP D 215 3.44 -10.68 -16.09
CA ASP D 215 3.49 -10.77 -17.54
C ASP D 215 3.13 -12.17 -18.02
N GLN D 216 2.35 -12.23 -19.08
CA GLN D 216 2.12 -13.48 -19.77
C GLN D 216 3.36 -13.88 -20.56
N GLU D 217 3.60 -15.18 -20.64
CA GLU D 217 4.69 -15.72 -21.44
C GLU D 217 4.10 -16.80 -22.33
N ILE D 218 4.37 -16.72 -23.62
CA ILE D 218 3.75 -17.59 -24.63
C ILE D 218 4.84 -18.41 -25.28
N ILE D 219 4.68 -19.73 -25.23
CA ILE D 219 5.67 -20.66 -25.76
C ILE D 219 5.11 -21.24 -27.06
N PHE D 220 5.84 -21.02 -28.14
CA PHE D 220 5.67 -21.56 -29.49
C PHE D 220 6.66 -22.69 -29.74
N PRO D 221 6.18 -23.88 -30.05
CA PRO D 221 7.09 -24.99 -30.34
C PRO D 221 7.96 -24.67 -31.54
N PRO D 222 9.20 -25.20 -31.59
CA PRO D 222 10.15 -24.94 -32.67
C PRO D 222 9.64 -25.39 -34.03
#